data_5LSF
#
_entry.id   5LSF
#
_cell.length_a   487.850
_cell.length_b   360.970
_cell.length_c   338.160
_cell.angle_alpha   90.000
_cell.angle_beta   133.070
_cell.angle_gamma   90.000
#
_symmetry.space_group_name_H-M   'C 1 2 1'
#
loop_
_entity.id
_entity.type
_entity.pdbx_description
1 polymer VP1
2 polymer VP2
3 polymer VP3
4 polymer VP4
5 non-polymer 'CALCIUM ION'
6 water water
#
loop_
_entity_poly.entity_id
_entity_poly.type
_entity_poly.pdbx_seq_one_letter_code
_entity_poly.pdbx_strand_id
1 'polypeptide(L)'
;MDTGAKEDEDETANFSDGVTAMGFQSLDTQVSIKDILRRPVLLFNHVELDPDYTGFFIPIMPPSRMMQYKSGDKETSFQR
LIGRTPQAAIMNLFRFWRGSLRYTIIIHSTDGHPIYVTHVPHTGNRVYGLMKVNNLHEYTKVPIFGCGLTTEMIIPSVNP
SICVEVPFDTENNWAVTFDEDAQRNYSWRDKGDTVTGHLVVTPVVSVYMSVWVEAGDDFEVSNFYGPPSVKTNDWNYAFS
DEH
;
A
2 'polypeptide(L)'
;EVPSKESIQGDATQQSSKEENTIITRDQQQTVSENIPSTVGDLVIASSEPTQQFRSLTNRWMPINSIRVTVNGKRNDLLA
QYYIPEDFLSTHAKCAPNTIPFETYVYGKYELEMKFVANGNKFQCGKVIISVKFDSYQADNINTGFQAALSRPHIMLDLS
TNNEGVLKIPFRYHRAFVRNQTHKTATAGVRPGKFASIYVQVLSPLQTGEGGANDMFIRPFYRYTRAEFAGMSYKVPLT
;
B
3 'polypeptide(L)'
;DKPKDVSSITIIPKPRLGFPHGKGKSDAVAMRVNPVALTSFQDVSAYPDEPRTTLDIARIWGLRSTFNWGSGDEHGKELF
NTVLDPGLRFYDQDYEGQITPMEYVTGLYNFWSGPIELRFDFVSNAFHTGTVIISAEYNRSSTNTDECQSHSTYTKTFHL
GEQKSVHFTVPYIYDTVVRRNTASAYLPVTDYDKVDNVSRAQAMGIRAESKMRVKVRVVNVLRPVASTTSTIEVLVYMRG
GKNYALHGLKQSTYWPSNSVVPIDSFPPDGYDP
;
C
4 'polypeptide(L)' DNPHRFLPANVSNRWNEYSSAYLPRV D
#
loop_
_chem_comp.id
_chem_comp.type
_chem_comp.name
_chem_comp.formula
CA non-polymer 'CALCIUM ION' 'Ca 2'
#
# COMPACT_ATOMS: atom_id res chain seq x y z
N MET A 1 -3.24 -1.84 -8.48
CA MET A 1 -2.20 -2.93 -8.51
C MET A 1 -1.63 -3.27 -9.89
N ASP A 2 -0.31 -3.24 -10.00
CA ASP A 2 0.39 -3.59 -11.24
C ASP A 2 1.35 -4.69 -10.86
N THR A 3 1.09 -5.89 -11.35
CA THR A 3 1.89 -7.06 -11.05
C THR A 3 3.37 -6.99 -11.45
N GLY A 4 3.67 -6.28 -12.53
CA GLY A 4 5.04 -6.18 -12.99
C GLY A 4 5.36 -7.26 -14.00
N ALA A 5 4.38 -8.10 -14.34
CA ALA A 5 4.57 -9.18 -15.30
C ALA A 5 4.96 -8.58 -16.65
N LYS A 6 4.52 -7.35 -16.85
CA LYS A 6 4.79 -6.56 -18.05
C LYS A 6 6.31 -6.36 -18.24
N GLU A 7 7.06 -6.39 -17.14
CA GLU A 7 8.50 -6.20 -17.19
C GLU A 7 9.28 -7.51 -17.27
N ASP A 8 8.59 -8.64 -17.15
CA ASP A 8 9.25 -9.93 -17.23
C ASP A 8 9.16 -10.41 -18.67
N GLU A 9 10.19 -10.08 -19.45
CA GLU A 9 10.24 -10.42 -20.86
C GLU A 9 10.95 -11.71 -21.22
N ASP A 10 11.62 -12.33 -20.25
CA ASP A 10 12.32 -13.58 -20.50
C ASP A 10 11.30 -14.65 -20.85
N GLU A 11 11.60 -15.45 -21.87
CA GLU A 11 10.69 -16.51 -22.30
C GLU A 11 11.38 -17.86 -22.40
N THR A 12 12.54 -17.99 -21.77
CA THR A 12 13.27 -19.25 -21.79
C THR A 12 12.60 -20.22 -20.81
N ALA A 13 12.96 -21.50 -20.89
CA ALA A 13 12.38 -22.54 -20.05
C ALA A 13 12.52 -22.33 -18.54
N ASN A 14 11.59 -22.91 -17.79
CA ASN A 14 11.57 -22.83 -16.33
C ASN A 14 11.18 -24.17 -15.73
N PHE A 15 11.33 -24.27 -14.42
CA PHE A 15 10.94 -25.49 -13.73
C PHE A 15 9.43 -25.43 -13.51
N SER A 16 8.85 -26.57 -13.16
CA SER A 16 7.41 -26.69 -12.96
C SER A 16 6.76 -25.75 -11.96
N ASP A 17 5.48 -25.44 -12.20
CA ASP A 17 4.70 -24.59 -11.31
C ASP A 17 4.12 -25.42 -10.18
N GLY A 18 4.27 -26.74 -10.28
CA GLY A 18 3.77 -27.64 -9.27
C GLY A 18 2.26 -27.68 -9.13
N VAL A 19 1.82 -28.13 -7.96
CA VAL A 19 0.40 -28.25 -7.64
C VAL A 19 0.17 -27.49 -6.32
N THR A 20 -0.88 -26.69 -6.25
CA THR A 20 -1.14 -25.93 -5.03
C THR A 20 -1.45 -26.79 -3.82
N ALA A 21 -1.05 -26.30 -2.64
CA ALA A 21 -1.29 -27.00 -1.39
C ALA A 21 -2.57 -26.45 -0.74
N MET A 22 -3.15 -25.40 -1.31
CA MET A 22 -4.37 -24.82 -0.76
C MET A 22 -5.42 -25.93 -0.69
N GLY A 23 -6.04 -26.09 0.47
CA GLY A 23 -7.06 -27.11 0.63
C GLY A 23 -6.57 -28.52 0.93
N PHE A 24 -5.25 -28.72 1.02
CA PHE A 24 -4.73 -30.04 1.31
C PHE A 24 -4.94 -30.41 2.77
N GLN A 25 -4.69 -29.47 3.69
CA GLN A 25 -4.89 -29.74 5.10
C GLN A 25 -6.36 -29.56 5.46
N SER A 26 -6.98 -28.51 4.95
CA SER A 26 -8.39 -28.27 5.22
C SER A 26 -8.98 -27.31 4.20
N LEU A 27 -10.29 -27.14 4.25
CA LEU A 27 -10.96 -26.25 3.34
C LEU A 27 -11.13 -24.84 3.90
N ASP A 28 -10.48 -24.56 5.02
CA ASP A 28 -10.57 -23.23 5.63
C ASP A 28 -9.56 -22.30 5.00
N THR A 29 -9.87 -21.80 3.81
CA THR A 29 -8.99 -20.89 3.10
C THR A 29 -9.03 -19.52 3.78
N GLN A 30 -7.87 -18.92 3.99
CA GLN A 30 -7.80 -17.63 4.68
C GLN A 30 -7.07 -16.55 3.90
N VAL A 31 -7.20 -16.56 2.57
CA VAL A 31 -6.50 -15.58 1.75
C VAL A 31 -7.37 -14.43 1.25
N SER A 32 -8.68 -14.55 1.40
CA SER A 32 -9.58 -13.49 0.95
C SER A 32 -9.42 -12.25 1.83
N ILE A 33 -9.11 -11.11 1.21
CA ILE A 33 -8.92 -9.89 1.95
C ILE A 33 -10.15 -9.49 2.77
N LYS A 34 -11.34 -9.65 2.21
CA LYS A 34 -12.54 -9.30 2.96
C LYS A 34 -12.78 -10.25 4.12
N ASP A 35 -12.44 -11.52 3.95
CA ASP A 35 -12.60 -12.50 5.02
C ASP A 35 -11.73 -12.11 6.20
N ILE A 36 -10.49 -11.71 5.90
CA ILE A 36 -9.54 -11.30 6.92
C ILE A 36 -10.03 -10.05 7.66
N LEU A 37 -10.52 -9.07 6.92
CA LEU A 37 -10.99 -7.84 7.53
C LEU A 37 -12.29 -8.01 8.33
N ARG A 38 -12.97 -9.13 8.13
CA ARG A 38 -14.21 -9.37 8.85
C ARG A 38 -14.03 -10.05 10.20
N ARG A 39 -12.80 -10.41 10.56
CA ARG A 39 -12.59 -10.99 11.88
C ARG A 39 -12.18 -9.82 12.77
N PRO A 40 -12.73 -9.76 13.99
CA PRO A 40 -12.50 -8.72 14.99
C PRO A 40 -11.09 -8.38 15.44
N VAL A 41 -10.89 -7.08 15.68
CA VAL A 41 -9.62 -6.54 16.15
C VAL A 41 -9.91 -5.81 17.45
N LEU A 42 -9.15 -6.10 18.48
CA LEU A 42 -9.34 -5.44 19.77
C LEU A 42 -8.81 -4.02 19.72
N LEU A 43 -9.64 -3.05 20.09
CA LEU A 43 -9.20 -1.66 20.09
C LEU A 43 -8.92 -1.21 21.52
N PHE A 44 -9.92 -1.36 22.37
CA PHE A 44 -9.81 -0.96 23.78
C PHE A 44 -10.02 -2.15 24.69
N ASN A 45 -9.03 -2.39 25.54
CA ASN A 45 -9.09 -3.50 26.46
C ASN A 45 -9.34 -3.02 27.89
N HIS A 46 -10.58 -3.17 28.35
CA HIS A 46 -10.97 -2.77 29.70
C HIS A 46 -10.69 -1.29 30.01
N VAL A 47 -11.38 -0.39 29.30
CA VAL A 47 -11.22 1.05 29.52
C VAL A 47 -12.42 1.58 30.30
N GLU A 48 -12.23 2.70 31.00
CA GLU A 48 -13.30 3.25 31.82
C GLU A 48 -14.33 4.16 31.18
N LEU A 49 -15.58 3.98 31.60
CA LEU A 49 -16.70 4.80 31.16
C LEU A 49 -17.09 5.60 32.41
N ASP A 50 -17.15 6.92 32.29
CA ASP A 50 -17.47 7.79 33.41
C ASP A 50 -18.73 8.61 33.07
N PRO A 51 -19.78 8.51 33.90
CA PRO A 51 -21.02 9.25 33.66
C PRO A 51 -20.92 10.78 33.70
N ASP A 52 -19.77 11.31 34.09
CA ASP A 52 -19.58 12.77 34.14
C ASP A 52 -19.30 13.33 32.75
N TYR A 53 -19.09 12.44 31.79
CA TYR A 53 -18.82 12.84 30.43
C TYR A 53 -20.02 12.54 29.55
N THR A 54 -19.99 13.05 28.33
CA THR A 54 -21.06 12.79 27.38
C THR A 54 -21.03 11.28 27.09
N GLY A 55 -19.81 10.75 27.04
CA GLY A 55 -19.62 9.33 26.78
C GLY A 55 -18.21 9.09 26.27
N PHE A 56 -17.92 7.83 25.96
CA PHE A 56 -16.61 7.45 25.43
C PHE A 56 -16.75 7.38 23.91
N PHE A 57 -15.98 8.21 23.21
CA PHE A 57 -16.04 8.27 21.75
C PHE A 57 -15.15 7.24 21.05
N ILE A 58 -15.70 6.65 20.00
CA ILE A 58 -14.97 5.67 19.19
C ILE A 58 -15.08 6.18 17.76
N PRO A 59 -13.96 6.65 17.18
CA PRO A 59 -14.01 7.13 15.79
C PRO A 59 -14.22 5.97 14.84
N ILE A 60 -15.13 6.11 13.88
CA ILE A 60 -15.39 5.02 12.94
C ILE A 60 -14.34 4.98 11.85
N MET A 61 -13.37 4.09 12.02
CA MET A 61 -12.28 3.91 11.08
C MET A 61 -11.71 2.52 11.34
N PRO A 62 -11.27 1.83 10.27
CA PRO A 62 -10.72 0.48 10.46
C PRO A 62 -9.32 0.51 11.07
N PRO A 63 -8.85 -0.63 11.59
CA PRO A 63 -7.52 -0.65 12.19
C PRO A 63 -6.43 -0.44 11.12
N SER A 64 -5.40 0.33 11.48
CA SER A 64 -4.31 0.63 10.56
C SER A 64 -3.17 1.27 11.35
N ARG A 65 -2.20 1.82 10.62
CA ARG A 65 -1.05 2.48 11.22
C ARG A 65 -1.49 3.71 12.03
N MET A 66 -2.71 4.17 11.80
CA MET A 66 -3.24 5.32 12.53
C MET A 66 -3.36 5.04 14.02
N MET A 67 -3.31 3.75 14.38
CA MET A 67 -3.45 3.34 15.78
C MET A 67 -2.24 2.56 16.25
N GLN A 68 -1.17 2.60 15.48
CA GLN A 68 0.04 1.86 15.83
C GLN A 68 0.77 2.47 17.02
N TYR A 69 1.23 1.61 17.91
CA TYR A 69 1.97 2.05 19.08
C TYR A 69 3.44 2.12 18.73
N LYS A 70 4.10 3.18 19.18
CA LYS A 70 5.54 3.29 18.92
C LYS A 70 6.22 3.45 20.27
N SER A 71 7.16 2.55 20.55
CA SER A 71 7.88 2.59 21.82
C SER A 71 8.39 4.00 22.10
N GLY A 72 8.06 4.53 23.27
CA GLY A 72 8.52 5.85 23.62
C GLY A 72 7.49 6.96 23.51
N ASP A 73 6.48 6.80 22.67
CA ASP A 73 5.49 7.85 22.56
C ASP A 73 4.49 7.77 23.72
N LYS A 74 3.75 8.87 23.91
CA LYS A 74 2.75 8.99 24.97
C LYS A 74 1.80 7.80 25.03
N GLU A 75 1.34 7.47 26.23
CA GLU A 75 0.43 6.36 26.43
C GLU A 75 -1.01 6.75 26.06
N THR A 76 -1.65 5.95 25.19
CA THR A 76 -3.03 6.19 24.79
C THR A 76 -3.85 5.03 25.33
N SER A 77 -5.18 5.09 25.22
CA SER A 77 -6.00 4.01 25.72
C SER A 77 -6.13 2.85 24.72
N PHE A 78 -5.51 3.00 23.57
CA PHE A 78 -5.54 1.96 22.54
C PHE A 78 -4.62 0.82 22.94
N GLN A 79 -5.07 -0.40 22.67
CA GLN A 79 -4.30 -1.60 22.93
C GLN A 79 -3.03 -1.44 22.06
N ARG A 80 -1.89 -1.96 22.51
CA ARG A 80 -0.63 -1.78 21.76
C ARG A 80 -0.31 -2.65 20.55
N LEU A 81 -1.06 -3.73 20.31
CA LEU A 81 -0.75 -4.59 19.19
C LEU A 81 -1.62 -4.41 17.93
N ILE A 82 -2.46 -3.38 17.93
CA ILE A 82 -3.34 -3.14 16.78
C ILE A 82 -2.54 -3.03 15.47
N GLY A 83 -1.43 -2.31 15.51
CA GLY A 83 -0.61 -2.11 14.33
C GLY A 83 0.03 -3.36 13.74
N ARG A 84 0.01 -4.48 14.46
CA ARG A 84 0.61 -5.71 13.96
C ARG A 84 -0.43 -6.80 13.67
N THR A 85 -1.70 -6.45 13.73
CA THR A 85 -2.74 -7.44 13.43
C THR A 85 -2.74 -7.60 11.90
N PRO A 86 -3.15 -8.77 11.41
CA PRO A 86 -3.19 -8.96 9.95
C PRO A 86 -4.07 -7.93 9.25
N GLN A 87 -5.21 -7.58 9.85
CA GLN A 87 -6.08 -6.62 9.21
C GLN A 87 -5.52 -5.20 9.16
N ALA A 88 -4.74 -4.80 10.15
CA ALA A 88 -4.13 -3.47 10.11
C ALA A 88 -3.07 -3.51 9.01
N ALA A 89 -2.36 -4.63 8.90
CA ALA A 89 -1.33 -4.79 7.88
C ALA A 89 -1.95 -4.68 6.49
N ILE A 90 -3.15 -5.23 6.33
CA ILE A 90 -3.84 -5.17 5.04
C ILE A 90 -4.30 -3.74 4.76
N MET A 91 -4.92 -3.11 5.76
CA MET A 91 -5.39 -1.74 5.59
C MET A 91 -4.28 -0.76 5.28
N ASN A 92 -3.06 -1.07 5.72
CA ASN A 92 -1.93 -0.18 5.43
C ASN A 92 -1.53 -0.22 3.96
N LEU A 93 -2.24 -1.04 3.18
CA LEU A 93 -1.98 -1.17 1.75
C LEU A 93 -3.08 -0.53 0.91
N PHE A 94 -4.20 -0.18 1.54
CA PHE A 94 -5.35 0.42 0.85
C PHE A 94 -5.75 1.75 1.49
N ARG A 95 -5.69 2.84 0.74
CA ARG A 95 -6.06 4.13 1.32
C ARG A 95 -7.56 4.47 1.25
N PHE A 96 -8.35 3.64 0.58
CA PHE A 96 -9.79 3.88 0.47
C PHE A 96 -10.58 2.72 1.06
N TRP A 97 -11.71 3.03 1.67
CA TRP A 97 -12.61 2.00 2.17
C TRP A 97 -14.01 2.60 2.15
N ARG A 98 -15.00 1.77 1.87
CA ARG A 98 -16.39 2.21 1.81
C ARG A 98 -17.26 1.09 2.34
N GLY A 99 -18.28 1.45 3.12
CA GLY A 99 -19.16 0.45 3.66
C GLY A 99 -19.31 0.59 5.15
N SER A 100 -19.84 -0.44 5.80
CA SER A 100 -20.05 -0.39 7.22
C SER A 100 -18.99 -1.14 8.02
N LEU A 101 -18.89 -0.80 9.30
CA LEU A 101 -17.97 -1.44 10.21
C LEU A 101 -18.84 -2.01 11.34
N ARG A 102 -18.37 -3.07 11.98
CA ARG A 102 -19.12 -3.67 13.07
C ARG A 102 -18.31 -3.59 14.35
N TYR A 103 -18.95 -3.11 15.41
CA TYR A 103 -18.28 -2.97 16.69
C TYR A 103 -18.88 -3.91 17.71
N THR A 104 -18.03 -4.69 18.36
CA THR A 104 -18.47 -5.58 19.41
C THR A 104 -18.06 -4.89 20.70
N ILE A 105 -19.05 -4.49 21.48
CA ILE A 105 -18.80 -3.78 22.73
C ILE A 105 -19.19 -4.64 23.92
N ILE A 106 -18.27 -4.79 24.87
CA ILE A 106 -18.53 -5.58 26.07
C ILE A 106 -18.45 -4.70 27.30
N ILE A 107 -19.51 -4.68 28.10
CA ILE A 107 -19.53 -3.91 29.32
C ILE A 107 -19.22 -4.90 30.44
N HIS A 108 -18.14 -4.66 31.18
CA HIS A 108 -17.75 -5.56 32.28
C HIS A 108 -18.69 -5.31 33.44
N SER A 109 -19.84 -5.95 33.40
CA SER A 109 -20.86 -5.76 34.44
C SER A 109 -21.99 -6.76 34.26
N THR A 110 -22.83 -6.85 35.29
CA THR A 110 -24.00 -7.72 35.26
C THR A 110 -25.21 -6.93 35.79
N ASP A 111 -25.04 -5.62 35.92
CA ASP A 111 -26.11 -4.75 36.42
C ASP A 111 -27.26 -4.59 35.44
N GLY A 112 -28.39 -4.12 35.96
CA GLY A 112 -29.56 -3.90 35.14
C GLY A 112 -29.62 -2.50 34.56
N HIS A 113 -28.52 -1.76 34.66
CA HIS A 113 -28.45 -0.40 34.11
C HIS A 113 -28.28 -0.46 32.61
N PRO A 114 -29.01 0.38 31.87
CA PRO A 114 -28.83 0.33 30.42
C PRO A 114 -27.60 1.16 30.03
N ILE A 115 -26.81 0.67 29.08
CA ILE A 115 -25.66 1.43 28.59
C ILE A 115 -26.04 1.69 27.14
N TYR A 116 -25.99 2.94 26.72
CA TYR A 116 -26.38 3.27 25.36
C TYR A 116 -25.21 3.49 24.43
N VAL A 117 -25.39 3.07 23.18
CA VAL A 117 -24.40 3.24 22.14
C VAL A 117 -25.08 4.10 21.08
N THR A 118 -24.57 5.31 20.89
CA THR A 118 -25.16 6.23 19.95
C THR A 118 -24.28 6.45 18.73
N HIS A 119 -24.91 6.44 17.56
CA HIS A 119 -24.17 6.66 16.32
C HIS A 119 -24.22 8.11 15.87
N VAL A 120 -23.07 8.68 15.56
CA VAL A 120 -22.99 10.05 15.07
C VAL A 120 -22.47 9.97 13.64
N PRO A 121 -23.21 10.52 12.67
CA PRO A 121 -22.75 10.47 11.28
C PRO A 121 -21.52 11.37 11.10
N HIS A 122 -20.95 11.40 9.90
CA HIS A 122 -19.76 12.23 9.66
C HIS A 122 -20.01 13.70 9.96
N THR A 123 -19.31 14.23 10.95
CA THR A 123 -19.47 15.64 11.34
C THR A 123 -18.22 16.48 11.16
N GLY A 124 -17.10 15.85 10.81
CA GLY A 124 -15.89 16.61 10.58
C GLY A 124 -14.76 16.48 11.58
N ASN A 125 -15.04 15.99 12.78
CA ASN A 125 -13.98 15.84 13.78
C ASN A 125 -13.57 14.37 13.85
N ARG A 126 -12.56 14.09 14.67
CA ARG A 126 -12.05 12.73 14.82
C ARG A 126 -11.48 12.62 16.24
N VAL A 127 -12.31 12.13 17.16
CA VAL A 127 -11.92 12.00 18.55
C VAL A 127 -12.16 10.61 19.13
N TYR A 128 -11.51 10.30 20.24
CA TYR A 128 -11.71 9.02 20.90
C TYR A 128 -11.51 9.19 22.40
N GLY A 129 -12.20 8.37 23.18
CA GLY A 129 -12.09 8.46 24.63
C GLY A 129 -13.20 9.30 25.24
N LEU A 130 -13.13 9.49 26.55
CA LEU A 130 -14.13 10.26 27.27
C LEU A 130 -14.06 11.75 26.90
N MET A 131 -15.22 12.34 26.61
CA MET A 131 -15.25 13.75 26.28
C MET A 131 -16.52 14.41 26.76
N LYS A 132 -16.39 15.66 27.19
CA LYS A 132 -17.51 16.47 27.65
C LYS A 132 -17.83 17.37 26.47
N VAL A 133 -18.80 17.00 25.66
CA VAL A 133 -19.17 17.80 24.49
C VAL A 133 -19.54 19.21 24.91
N ASN A 134 -18.90 20.18 24.27
CA ASN A 134 -19.12 21.60 24.55
C ASN A 134 -18.75 21.98 25.98
N ASN A 135 -17.91 21.14 26.57
CA ASN A 135 -17.39 21.36 27.91
C ASN A 135 -18.38 21.76 29.00
N LEU A 136 -19.44 20.96 29.15
CA LEU A 136 -20.43 21.22 30.19
C LEU A 136 -20.04 20.36 31.38
N HIS A 137 -20.79 20.45 32.48
CA HIS A 137 -20.43 19.67 33.65
C HIS A 137 -21.50 18.71 34.14
N GLU A 138 -22.46 18.41 33.29
CA GLU A 138 -23.55 17.51 33.64
C GLU A 138 -24.19 17.08 32.34
N TYR A 139 -24.41 15.77 32.16
CA TYR A 139 -24.99 15.29 30.91
C TYR A 139 -26.20 14.37 31.05
N THR A 140 -26.65 14.10 32.27
CA THR A 140 -27.79 13.22 32.43
C THR A 140 -29.11 13.89 32.03
N LYS A 141 -29.12 15.22 31.99
CA LYS A 141 -30.33 15.95 31.61
C LYS A 141 -30.32 16.24 30.11
N VAL A 142 -29.15 16.12 29.50
CA VAL A 142 -29.00 16.36 28.07
C VAL A 142 -28.17 15.23 27.44
N PRO A 143 -28.61 13.98 27.64
CA PRO A 143 -27.92 12.80 27.12
C PRO A 143 -27.85 12.75 25.60
N ILE A 144 -26.68 12.37 25.08
CA ILE A 144 -26.52 12.29 23.63
C ILE A 144 -27.44 11.23 23.03
N PHE A 145 -27.74 10.18 23.81
CA PHE A 145 -28.62 9.13 23.32
C PHE A 145 -30.09 9.54 23.31
N GLY A 146 -30.38 10.74 23.81
CA GLY A 146 -31.76 11.20 23.81
C GLY A 146 -31.97 12.44 22.96
N CYS A 147 -31.04 12.70 22.04
CA CYS A 147 -31.14 13.89 21.20
C CYS A 147 -31.75 13.67 19.81
N GLY A 148 -31.91 12.42 19.40
CA GLY A 148 -32.48 12.16 18.08
C GLY A 148 -31.62 11.28 17.19
N LEU A 149 -30.34 11.15 17.53
CA LEU A 149 -29.42 10.31 16.77
C LEU A 149 -29.78 8.84 16.99
N THR A 150 -29.38 7.97 16.06
CA THR A 150 -29.68 6.55 16.19
C THR A 150 -28.95 5.99 17.40
N THR A 151 -29.69 5.30 18.25
CA THR A 151 -29.11 4.76 19.46
C THR A 151 -29.60 3.34 19.75
N GLU A 152 -28.74 2.54 20.35
CA GLU A 152 -29.06 1.17 20.72
C GLU A 152 -28.68 1.00 22.20
N MET A 153 -29.30 0.05 22.90
CA MET A 153 -28.98 -0.12 24.30
C MET A 153 -28.51 -1.51 24.68
N ILE A 154 -27.60 -1.55 25.65
CA ILE A 154 -27.06 -2.80 26.17
C ILE A 154 -27.56 -2.90 27.60
N ILE A 155 -28.02 -4.08 28.01
CA ILE A 155 -28.46 -4.29 29.38
C ILE A 155 -27.65 -5.50 29.82
N PRO A 156 -26.51 -5.25 30.48
CA PRO A 156 -25.59 -6.29 30.97
C PRO A 156 -26.20 -7.50 31.68
N SER A 157 -27.26 -7.29 32.45
CA SER A 157 -27.88 -8.43 33.14
C SER A 157 -28.47 -9.43 32.15
N VAL A 158 -28.77 -8.96 30.94
CA VAL A 158 -29.30 -9.82 29.88
C VAL A 158 -28.14 -10.29 29.00
N ASN A 159 -27.31 -9.36 28.55
CA ASN A 159 -26.14 -9.68 27.76
C ASN A 159 -25.17 -8.51 27.86
N PRO A 160 -24.00 -8.71 28.49
CA PRO A 160 -23.06 -7.60 28.60
C PRO A 160 -22.40 -7.19 27.28
N SER A 161 -22.63 -7.97 26.23
CA SER A 161 -22.03 -7.67 24.93
C SER A 161 -23.07 -7.36 23.87
N ILE A 162 -22.64 -6.68 22.82
CA ILE A 162 -23.51 -6.33 21.70
C ILE A 162 -22.64 -6.15 20.48
N CYS A 163 -23.24 -6.32 19.31
CA CYS A 163 -22.52 -6.11 18.07
C CYS A 163 -23.36 -5.15 17.25
N VAL A 164 -22.85 -3.95 16.99
CA VAL A 164 -23.58 -2.97 16.22
C VAL A 164 -22.87 -2.66 14.92
N GLU A 165 -23.66 -2.48 13.87
CA GLU A 165 -23.13 -2.18 12.55
C GLU A 165 -23.42 -0.71 12.26
N VAL A 166 -22.37 0.08 12.03
CA VAL A 166 -22.55 1.50 11.73
C VAL A 166 -22.50 1.71 10.23
N PRO A 167 -23.42 2.54 9.71
CA PRO A 167 -23.49 2.83 8.28
C PRO A 167 -22.37 3.73 7.75
N PHE A 168 -22.34 3.86 6.43
CA PHE A 168 -21.35 4.70 5.76
C PHE A 168 -22.05 6.05 5.55
N ASP A 169 -22.34 6.76 6.64
CA ASP A 169 -23.01 8.06 6.56
C ASP A 169 -22.01 9.20 6.43
N THR A 170 -21.58 9.45 5.20
CA THR A 170 -20.61 10.49 4.90
C THR A 170 -20.94 11.11 3.53
N GLU A 171 -20.34 12.26 3.22
CA GLU A 171 -20.57 12.94 1.94
C GLU A 171 -19.63 12.45 0.86
N ASN A 172 -18.55 11.79 1.26
CA ASN A 172 -17.56 11.32 0.32
C ASN A 172 -17.84 9.95 -0.27
N ASN A 173 -17.20 9.67 -1.41
CA ASN A 173 -17.35 8.38 -2.10
C ASN A 173 -16.63 7.32 -1.28
N TRP A 174 -15.45 7.67 -0.80
CA TRP A 174 -14.63 6.78 0.00
C TRP A 174 -14.12 7.45 1.25
N ALA A 175 -13.85 6.64 2.26
CA ALA A 175 -13.29 7.15 3.50
C ALA A 175 -11.78 6.98 3.27
N VAL A 176 -10.97 7.89 3.81
CA VAL A 176 -9.52 7.82 3.67
C VAL A 176 -8.98 7.01 4.84
N THR A 177 -8.31 5.90 4.55
CA THR A 177 -7.80 5.03 5.59
C THR A 177 -6.75 5.61 6.55
N PHE A 178 -5.75 6.29 6.01
CA PHE A 178 -4.67 6.82 6.84
C PHE A 178 -3.96 8.04 6.27
N ASP A 179 -3.13 8.66 7.12
CA ASP A 179 -2.32 9.83 6.77
C ASP A 179 -0.89 9.46 7.13
N GLU A 180 0.07 10.21 6.60
CA GLU A 180 1.46 9.95 6.92
C GLU A 180 1.72 10.41 8.36
N ASP A 181 1.01 11.45 8.79
CA ASP A 181 1.15 11.97 10.16
C ASP A 181 -0.22 12.28 10.75
N ALA A 182 -0.69 11.40 11.62
CA ALA A 182 -1.99 11.53 12.26
C ALA A 182 -2.14 12.76 13.16
N GLN A 183 -1.04 13.44 13.43
CA GLN A 183 -1.08 14.61 14.29
C GLN A 183 -0.74 15.94 13.62
N ARG A 184 -0.61 15.91 12.30
CA ARG A 184 -0.29 17.13 11.58
C ARG A 184 -1.53 18.01 11.50
N ASN A 185 -1.33 19.32 11.65
CA ASN A 185 -2.42 20.27 11.62
C ASN A 185 -2.58 20.83 10.20
N TYR A 186 -3.38 20.17 9.38
CA TYR A 186 -3.58 20.63 8.00
C TYR A 186 -5.06 20.88 7.72
N SER A 187 -5.36 21.49 6.55
CA SER A 187 -6.74 21.83 6.14
C SER A 187 -7.79 20.99 6.85
N TRP A 188 -8.54 21.65 7.74
CA TRP A 188 -9.53 21.00 8.57
C TRP A 188 -10.62 20.14 7.96
N ARG A 189 -11.09 20.44 6.75
CA ARG A 189 -12.13 19.57 6.21
C ARG A 189 -11.52 18.25 5.76
N ASP A 190 -10.29 18.31 5.25
CA ASP A 190 -9.58 17.11 4.81
C ASP A 190 -9.18 16.25 6.01
N LYS A 191 -8.82 16.91 7.11
CA LYS A 191 -8.40 16.23 8.34
C LYS A 191 -9.44 15.23 8.82
N GLY A 192 -10.72 15.59 8.69
CA GLY A 192 -11.77 14.72 9.15
C GLY A 192 -12.24 13.65 8.18
N ASP A 193 -11.62 13.56 7.01
CA ASP A 193 -12.04 12.57 6.03
C ASP A 193 -11.54 11.14 6.27
N THR A 194 -10.84 10.92 7.38
CA THR A 194 -10.35 9.58 7.69
C THR A 194 -11.34 8.78 8.56
N VAL A 195 -12.48 9.39 8.89
CA VAL A 195 -13.52 8.70 9.68
C VAL A 195 -14.86 8.95 9.00
N THR A 196 -15.87 8.15 9.34
CA THR A 196 -17.19 8.33 8.77
C THR A 196 -18.19 8.71 9.85
N GLY A 197 -17.67 9.01 11.04
CA GLY A 197 -18.52 9.38 12.16
C GLY A 197 -17.98 8.80 13.45
N HIS A 198 -18.81 8.76 14.47
CA HIS A 198 -18.40 8.21 15.77
C HIS A 198 -19.47 7.34 16.39
N LEU A 199 -19.04 6.57 17.39
CA LEU A 199 -19.91 5.72 18.16
C LEU A 199 -19.64 6.23 19.58
N VAL A 200 -20.69 6.55 20.32
CA VAL A 200 -20.50 7.07 21.68
C VAL A 200 -21.17 6.16 22.70
N VAL A 201 -20.39 5.70 23.67
CA VAL A 201 -20.92 4.81 24.71
C VAL A 201 -21.12 5.58 26.01
N THR A 202 -22.35 5.57 26.53
CA THR A 202 -22.71 6.30 27.75
C THR A 202 -23.31 5.40 28.84
N PRO A 203 -22.69 5.36 30.04
CA PRO A 203 -23.16 4.55 31.15
C PRO A 203 -24.03 5.33 32.15
N VAL A 204 -24.56 4.62 33.15
CA VAL A 204 -25.37 5.25 34.19
C VAL A 204 -24.42 5.49 35.36
N VAL A 205 -23.62 4.49 35.67
CA VAL A 205 -22.62 4.57 36.73
C VAL A 205 -21.28 4.18 36.12
N SER A 206 -20.20 4.54 36.80
CA SER A 206 -18.86 4.22 36.33
C SER A 206 -18.73 2.71 36.12
N VAL A 207 -18.17 2.32 34.98
CA VAL A 207 -18.01 0.90 34.65
C VAL A 207 -16.97 0.79 33.52
N TYR A 208 -16.43 -0.40 33.32
CA TYR A 208 -15.45 -0.60 32.26
C TYR A 208 -16.00 -1.31 31.03
N MET A 209 -15.35 -1.10 29.89
CA MET A 209 -15.79 -1.74 28.66
C MET A 209 -14.60 -2.13 27.79
N SER A 210 -14.85 -3.04 26.84
CA SER A 210 -13.85 -3.48 25.89
C SER A 210 -14.50 -3.31 24.52
N VAL A 211 -13.70 -2.98 23.51
CA VAL A 211 -14.22 -2.75 22.16
C VAL A 211 -13.42 -3.44 21.07
N TRP A 212 -14.14 -4.11 20.17
CA TRP A 212 -13.54 -4.78 19.02
C TRP A 212 -14.18 -4.20 17.77
N VAL A 213 -13.46 -4.22 16.66
CA VAL A 213 -14.00 -3.71 15.40
C VAL A 213 -13.67 -4.67 14.26
N GLU A 214 -14.52 -4.67 13.25
CA GLU A 214 -14.32 -5.51 12.06
C GLU A 214 -15.11 -4.91 10.93
N ALA A 215 -14.85 -5.34 9.70
CA ALA A 215 -15.56 -4.85 8.54
C ALA A 215 -16.95 -5.48 8.49
N GLY A 216 -17.92 -4.74 7.96
CA GLY A 216 -19.27 -5.29 7.85
C GLY A 216 -19.34 -6.16 6.60
N ASP A 217 -20.52 -6.61 6.23
CA ASP A 217 -20.64 -7.44 5.04
C ASP A 217 -20.64 -6.54 3.80
N ASP A 218 -21.28 -5.37 3.90
CA ASP A 218 -21.32 -4.39 2.81
C ASP A 218 -20.09 -3.52 3.01
N PHE A 219 -18.95 -3.98 2.52
CA PHE A 219 -17.70 -3.27 2.72
C PHE A 219 -16.68 -3.56 1.60
N GLU A 220 -15.98 -2.52 1.16
CA GLU A 220 -14.98 -2.64 0.10
C GLU A 220 -13.79 -1.75 0.40
N VAL A 221 -12.62 -2.15 -0.05
CA VAL A 221 -11.41 -1.35 0.10
C VAL A 221 -10.85 -1.15 -1.30
N SER A 222 -10.06 -0.10 -1.48
CA SER A 222 -9.45 0.13 -2.78
C SER A 222 -8.34 1.18 -2.65
N ASN A 223 -7.80 1.59 -3.79
CA ASN A 223 -6.69 2.53 -3.85
C ASN A 223 -5.49 1.86 -3.19
N PHE A 224 -5.05 0.77 -3.81
CA PHE A 224 -3.91 -0.01 -3.35
C PHE A 224 -2.68 0.90 -3.40
N TYR A 225 -1.94 0.96 -2.29
CA TYR A 225 -0.76 1.82 -2.20
C TYR A 225 0.59 1.13 -2.30
N GLY A 226 0.60 -0.20 -2.30
CA GLY A 226 1.87 -0.92 -2.34
C GLY A 226 2.35 -1.02 -0.91
N PRO A 227 3.38 -1.83 -0.62
CA PRO A 227 3.86 -1.95 0.76
C PRO A 227 4.72 -0.79 1.27
N PRO A 228 4.62 -0.48 2.58
CA PRO A 228 5.38 0.61 3.21
C PRO A 228 6.73 0.09 3.72
N SER A 229 7.56 0.97 4.27
CA SER A 229 8.83 0.55 4.84
C SER A 229 8.47 -0.12 6.16
N VAL A 230 9.03 -1.29 6.38
CA VAL A 230 8.71 -2.03 7.59
C VAL A 230 9.96 -2.46 8.34
N LYS A 231 9.74 -3.05 9.51
CA LYS A 231 10.81 -3.52 10.35
C LYS A 231 10.35 -4.78 11.08
N THR A 232 11.31 -5.55 11.59
CA THR A 232 11.01 -6.74 12.37
C THR A 232 12.23 -7.15 13.18
N ASN A 233 12.00 -7.61 14.40
CA ASN A 233 13.10 -8.07 15.25
C ASN A 233 12.69 -9.38 15.91
N ASP A 234 11.76 -10.09 15.28
CA ASP A 234 11.26 -11.38 15.77
C ASP A 234 12.35 -12.39 16.09
N TRP A 235 13.32 -12.52 15.17
CA TRP A 235 14.41 -13.48 15.31
C TRP A 235 15.04 -13.53 16.71
N ASN A 236 15.21 -12.36 17.30
CA ASN A 236 15.86 -12.23 18.60
C ASN A 236 15.09 -12.79 19.80
N TYR A 237 13.80 -13.01 19.64
CA TYR A 237 12.99 -13.48 20.76
C TYR A 237 12.58 -14.95 20.81
N ALA A 238 13.34 -15.82 20.15
CA ALA A 238 13.03 -17.24 20.17
C ALA A 238 14.26 -18.07 19.83
N PHE A 239 14.27 -19.33 20.26
CA PHE A 239 15.37 -20.24 19.96
C PHE A 239 15.11 -20.82 18.58
N SER A 240 16.15 -21.30 17.91
CA SER A 240 15.97 -21.95 16.63
C SER A 240 15.89 -23.43 17.00
N ASP A 241 15.57 -24.29 16.05
CA ASP A 241 15.45 -25.72 16.35
C ASP A 241 16.81 -26.41 16.50
N GLU A 242 17.87 -25.62 16.49
CA GLU A 242 19.22 -26.17 16.68
C GLU A 242 19.84 -25.52 17.92
N HIS A 243 19.04 -25.43 18.98
CA HIS A 243 19.45 -24.85 20.26
C HIS A 243 19.67 -23.35 20.17
N GLU B 1 8.60 -3.59 -33.84
CA GLU B 1 9.02 -4.81 -33.10
C GLU B 1 10.27 -5.47 -33.68
N VAL B 2 10.45 -5.38 -35.00
CA VAL B 2 11.62 -5.98 -35.65
C VAL B 2 12.44 -4.95 -36.43
N PRO B 3 13.76 -4.93 -36.18
CA PRO B 3 14.64 -3.98 -36.87
C PRO B 3 14.86 -4.37 -38.33
N SER B 4 15.37 -3.44 -39.13
CA SER B 4 15.65 -3.72 -40.52
C SER B 4 17.12 -3.41 -40.79
N LYS B 5 17.63 -3.82 -41.96
CA LYS B 5 19.02 -3.56 -42.31
C LYS B 5 19.18 -2.05 -42.51
N GLU B 6 20.42 -1.58 -42.40
CA GLU B 6 20.73 -0.16 -42.54
C GLU B 6 20.56 0.34 -43.96
N SER B 7 20.05 1.56 -44.09
CA SER B 7 19.88 2.20 -45.39
C SER B 7 20.40 3.63 -45.26
N ILE B 8 19.99 4.52 -46.16
CA ILE B 8 20.45 5.90 -46.12
C ILE B 8 20.21 6.61 -44.79
N GLN B 9 19.04 6.38 -44.19
CA GLN B 9 18.68 7.03 -42.93
C GLN B 9 18.76 6.07 -41.73
N GLY B 10 19.66 5.10 -41.82
CA GLY B 10 19.83 4.13 -40.74
C GLY B 10 18.76 3.07 -40.76
N ASP B 11 18.32 2.64 -39.58
CA ASP B 11 17.27 1.63 -39.45
C ASP B 11 15.96 2.37 -39.25
N ALA B 12 15.30 2.68 -40.37
CA ALA B 12 14.05 3.42 -40.35
C ALA B 12 12.83 2.58 -40.00
N THR B 13 12.67 2.27 -38.71
CA THR B 13 11.53 1.48 -38.27
C THR B 13 10.90 2.09 -37.01
N GLN B 14 10.85 3.41 -36.95
CA GLN B 14 10.26 4.08 -35.81
C GLN B 14 8.75 4.00 -35.79
N GLN B 15 8.19 4.15 -34.61
CA GLN B 15 6.76 4.14 -34.38
C GLN B 15 6.44 5.54 -33.88
N SER B 16 5.18 5.93 -33.88
CA SER B 16 4.85 7.26 -33.39
C SER B 16 3.43 7.37 -32.86
N SER B 17 3.20 8.44 -32.11
CA SER B 17 1.91 8.73 -31.51
C SER B 17 1.47 10.12 -31.95
N LYS B 18 0.26 10.23 -32.46
CA LYS B 18 -0.27 11.52 -32.87
C LYS B 18 -1.54 11.76 -32.09
N GLU B 19 -1.55 12.84 -31.31
CA GLU B 19 -2.71 13.21 -30.52
C GLU B 19 -2.94 14.69 -30.77
N GLU B 20 -4.06 15.01 -31.41
CA GLU B 20 -4.38 16.39 -31.73
C GLU B 20 -3.25 16.95 -32.61
N ASN B 21 -2.78 18.14 -32.29
CA ASN B 21 -1.72 18.75 -33.09
C ASN B 21 -0.31 18.50 -32.56
N THR B 22 -0.09 17.31 -32.01
CA THR B 22 1.21 16.94 -31.47
C THR B 22 1.57 15.50 -31.85
N ILE B 23 2.83 15.28 -32.20
CA ILE B 23 3.31 13.95 -32.59
C ILE B 23 4.59 13.63 -31.82
N ILE B 24 4.73 12.38 -31.40
CA ILE B 24 5.93 11.95 -30.68
C ILE B 24 6.38 10.61 -31.24
N THR B 25 7.61 10.52 -31.73
CA THR B 25 8.10 9.27 -32.28
C THR B 25 8.93 8.51 -31.24
N ARG B 26 9.17 7.22 -31.48
CA ARG B 26 10.00 6.42 -30.59
C ARG B 26 10.90 5.53 -31.43
N ASP B 27 12.17 5.44 -31.04
CA ASP B 27 13.14 4.67 -31.81
C ASP B 27 13.11 3.18 -31.50
N GLN B 28 12.76 2.82 -30.28
CA GLN B 28 12.70 1.42 -29.89
C GLN B 28 11.29 1.07 -29.43
N GLN B 29 11.18 0.05 -28.59
CA GLN B 29 9.86 -0.36 -28.11
C GLN B 29 9.35 0.54 -27.01
N GLN B 30 8.11 0.30 -26.60
CA GLN B 30 7.51 1.10 -25.56
C GLN B 30 6.76 0.21 -24.58
N THR B 31 6.80 0.57 -23.31
CA THR B 31 6.11 -0.18 -22.28
C THR B 31 4.91 0.67 -21.86
N VAL B 32 3.76 0.03 -21.72
CA VAL B 32 2.53 0.74 -21.37
C VAL B 32 1.81 0.12 -20.20
N SER B 33 1.35 0.94 -19.25
CA SER B 33 0.63 0.38 -18.11
C SER B 33 -0.80 0.06 -18.55
N GLU B 34 -1.47 -0.79 -17.77
CA GLU B 34 -2.82 -1.23 -18.06
C GLU B 34 -3.84 -0.10 -18.11
N ASN B 35 -4.82 -0.25 -19.01
CA ASN B 35 -5.87 0.75 -19.10
C ASN B 35 -6.92 0.37 -18.03
N ILE B 36 -6.99 1.16 -16.97
CA ILE B 36 -7.91 0.88 -15.88
C ILE B 36 -9.01 1.93 -15.72
N PRO B 37 -10.15 1.53 -15.14
CA PRO B 37 -11.31 2.39 -14.93
C PRO B 37 -11.29 3.45 -13.81
N SER B 38 -12.13 4.47 -13.99
CA SER B 38 -12.29 5.55 -13.04
C SER B 38 -13.69 5.37 -12.45
N THR B 39 -14.00 6.06 -11.36
CA THR B 39 -15.32 5.94 -10.78
C THR B 39 -16.33 6.58 -11.74
N VAL B 40 -17.43 5.86 -11.98
CA VAL B 40 -18.46 6.34 -12.88
C VAL B 40 -19.83 6.23 -12.20
N GLY B 41 -20.65 7.27 -12.38
CA GLY B 41 -21.97 7.25 -11.78
C GLY B 41 -22.23 8.41 -10.85
N ASP B 42 -21.16 9.03 -10.36
CA ASP B 42 -21.29 10.16 -9.45
C ASP B 42 -21.37 11.49 -10.18
N LEU B 43 -20.86 11.53 -11.41
CA LEU B 43 -20.83 12.73 -12.23
C LEU B 43 -22.19 13.40 -12.41
N VAL B 44 -23.19 12.60 -12.77
CA VAL B 44 -24.53 13.11 -13.02
C VAL B 44 -25.26 13.56 -11.74
N ILE B 45 -24.72 13.18 -10.59
CA ILE B 45 -25.32 13.54 -9.32
C ILE B 45 -24.60 14.72 -8.66
N ALA B 46 -23.28 14.74 -8.74
CA ALA B 46 -22.48 15.81 -8.15
C ALA B 46 -22.68 17.11 -8.94
N SER B 47 -23.09 16.99 -10.20
CA SER B 47 -23.35 18.17 -11.02
C SER B 47 -24.69 18.08 -11.70
N SER B 48 -25.60 18.94 -11.25
CA SER B 48 -26.95 19.05 -11.76
C SER B 48 -26.94 19.50 -13.22
N GLU B 49 -25.91 20.27 -13.58
CA GLU B 49 -25.74 20.78 -14.94
C GLU B 49 -24.74 19.94 -15.72
N PRO B 50 -24.80 19.99 -17.06
CA PRO B 50 -23.86 19.19 -17.86
C PRO B 50 -22.39 19.58 -17.70
N THR B 51 -21.52 18.58 -17.76
CA THR B 51 -20.09 18.80 -17.63
C THR B 51 -19.52 18.91 -19.06
N GLN B 52 -18.34 19.47 -19.20
CA GLN B 52 -17.77 19.67 -20.53
C GLN B 52 -16.39 19.11 -20.78
N GLN B 53 -16.10 18.89 -22.07
CA GLN B 53 -14.80 18.42 -22.51
C GLN B 53 -14.33 19.36 -23.63
N PHE B 54 -13.03 19.53 -23.75
CA PHE B 54 -12.46 20.39 -24.78
C PHE B 54 -11.22 19.66 -25.28
N ARG B 55 -11.45 18.47 -25.83
CA ARG B 55 -10.39 17.59 -26.33
C ARG B 55 -9.27 18.21 -27.14
N SER B 56 -9.61 19.10 -28.07
CA SER B 56 -8.58 19.70 -28.91
C SER B 56 -7.55 20.49 -28.10
N LEU B 57 -7.95 20.95 -26.92
CA LEU B 57 -7.04 21.70 -26.07
C LEU B 57 -6.32 20.81 -25.05
N THR B 58 -7.09 19.94 -24.40
CA THR B 58 -6.56 19.08 -23.36
C THR B 58 -5.93 17.75 -23.75
N ASN B 59 -6.38 17.16 -24.85
CA ASN B 59 -5.88 15.85 -25.25
C ASN B 59 -4.62 15.82 -26.13
N ARG B 60 -3.88 16.92 -26.17
CA ARG B 60 -2.65 16.99 -26.95
C ARG B 60 -1.46 16.79 -26.00
N TRP B 61 -0.34 16.29 -26.54
CA TRP B 61 0.86 16.07 -25.74
C TRP B 61 1.55 17.37 -25.37
N MET B 62 1.90 17.54 -24.10
CA MET B 62 2.58 18.73 -23.66
C MET B 62 3.81 18.32 -22.86
N PRO B 63 5.01 18.75 -23.28
CA PRO B 63 6.23 18.39 -22.55
C PRO B 63 6.31 19.20 -21.27
N ILE B 64 6.81 18.60 -20.19
CA ILE B 64 6.96 19.38 -18.97
C ILE B 64 8.46 19.55 -18.70
N ASN B 65 8.86 19.71 -17.45
CA ASN B 65 10.28 19.92 -17.19
C ASN B 65 11.22 18.76 -17.47
N SER B 66 12.42 19.11 -17.89
CA SER B 66 13.45 18.14 -18.20
C SER B 66 13.96 17.50 -16.91
N ILE B 67 14.29 16.22 -16.97
CA ILE B 67 14.79 15.50 -15.81
C ILE B 67 16.22 15.04 -16.06
N ARG B 68 17.12 15.40 -15.15
CA ARG B 68 18.53 15.03 -15.26
C ARG B 68 18.82 13.84 -14.38
N VAL B 69 19.45 12.83 -14.95
CA VAL B 69 19.82 11.66 -14.18
C VAL B 69 21.34 11.63 -14.17
N THR B 70 21.95 11.54 -13.00
CA THR B 70 23.41 11.52 -12.92
C THR B 70 23.89 10.23 -12.26
N VAL B 71 25.18 9.96 -12.39
CA VAL B 71 25.78 8.76 -11.81
C VAL B 71 25.76 8.78 -10.29
N ASN B 72 25.41 9.93 -9.70
CA ASN B 72 25.35 10.06 -8.25
C ASN B 72 24.00 9.72 -7.64
N GLY B 73 23.00 9.48 -8.50
CA GLY B 73 21.68 9.13 -7.98
C GLY B 73 21.68 7.74 -7.38
N LYS B 74 21.09 7.60 -6.19
CA LYS B 74 21.02 6.32 -5.51
C LYS B 74 19.63 5.72 -5.66
N ARG B 75 19.53 4.40 -5.52
CA ARG B 75 18.24 3.75 -5.60
C ARG B 75 17.28 4.39 -4.59
N ASN B 76 16.03 4.59 -5.02
CA ASN B 76 14.97 5.19 -4.20
C ASN B 76 14.89 6.71 -4.28
N ASP B 77 15.94 7.35 -4.81
CA ASP B 77 15.98 8.80 -4.95
C ASP B 77 14.85 9.32 -5.84
N LEU B 78 14.24 10.43 -5.43
CA LEU B 78 13.19 11.05 -6.24
C LEU B 78 13.89 11.94 -7.25
N LEU B 79 13.66 11.67 -8.54
CA LEU B 79 14.24 12.47 -9.61
C LEU B 79 13.29 13.62 -9.92
N ALA B 80 12.00 13.38 -9.70
CA ALA B 80 10.96 14.37 -9.94
C ALA B 80 9.67 13.84 -9.34
N GLN B 81 8.74 14.74 -9.05
CA GLN B 81 7.45 14.34 -8.51
C GLN B 81 6.43 15.42 -8.84
N TYR B 82 5.23 14.98 -9.19
CA TYR B 82 4.18 15.91 -9.57
C TYR B 82 2.88 15.71 -8.82
N TYR B 83 2.31 16.82 -8.35
CA TYR B 83 1.01 16.78 -7.68
C TYR B 83 0.11 17.27 -8.79
N ILE B 84 -0.81 16.42 -9.26
CA ILE B 84 -1.67 16.80 -10.37
C ILE B 84 -3.14 16.96 -10.01
N PRO B 85 -3.86 17.83 -10.74
CA PRO B 85 -3.39 18.65 -11.87
C PRO B 85 -2.53 19.88 -11.50
N GLU B 86 -2.57 20.29 -10.24
CA GLU B 86 -1.85 21.46 -9.75
C GLU B 86 -0.52 21.83 -10.42
N ASP B 87 0.46 20.92 -10.40
CA ASP B 87 1.77 21.21 -10.98
C ASP B 87 1.78 21.40 -12.49
N PHE B 88 0.74 20.92 -13.18
CA PHE B 88 0.67 21.10 -14.63
C PHE B 88 -0.05 22.40 -14.95
N LEU B 89 -0.53 23.09 -13.92
CA LEU B 89 -1.25 24.34 -14.13
C LEU B 89 -0.43 25.55 -13.70
N SER B 90 0.25 25.43 -12.56
CA SER B 90 0.98 26.56 -12.05
C SER B 90 2.49 26.40 -11.86
N THR B 91 3.08 25.30 -12.31
CA THR B 91 4.52 25.18 -12.16
C THR B 91 5.22 24.69 -13.43
N HIS B 92 4.64 23.71 -14.13
CA HIS B 92 5.23 23.20 -15.37
C HIS B 92 4.41 23.68 -16.57
N ALA B 93 5.07 23.88 -17.71
CA ALA B 93 4.41 24.29 -18.94
C ALA B 93 3.18 25.16 -18.68
N LYS B 94 3.39 26.27 -17.99
CA LYS B 94 2.31 27.17 -17.61
C LYS B 94 1.50 27.84 -18.73
N CYS B 95 2.10 28.05 -19.90
CA CYS B 95 1.37 28.71 -20.98
C CYS B 95 0.71 27.73 -21.94
N ALA B 96 0.71 26.45 -21.58
CA ALA B 96 0.11 25.42 -22.42
C ALA B 96 -1.38 25.60 -22.64
N PRO B 97 -1.85 25.38 -23.88
CA PRO B 97 -3.29 25.53 -24.13
C PRO B 97 -4.10 24.49 -23.35
N ASN B 98 -3.44 23.41 -22.93
CA ASN B 98 -4.09 22.34 -22.16
C ASN B 98 -4.64 22.89 -20.83
N THR B 99 -4.11 24.02 -20.38
CA THR B 99 -4.52 24.62 -19.11
C THR B 99 -5.70 25.59 -19.19
N ILE B 100 -6.07 25.98 -20.41
CA ILE B 100 -7.15 26.93 -20.63
C ILE B 100 -8.48 26.71 -19.88
N PRO B 101 -9.08 25.51 -19.98
CA PRO B 101 -10.35 25.26 -19.29
C PRO B 101 -10.30 25.40 -17.76
N PHE B 102 -9.13 25.16 -17.17
CA PHE B 102 -8.97 25.25 -15.73
C PHE B 102 -9.09 26.68 -15.21
N GLU B 103 -9.07 27.65 -16.11
CA GLU B 103 -9.18 29.05 -15.73
C GLU B 103 -10.62 29.45 -15.46
N THR B 104 -11.57 28.70 -16.01
CA THR B 104 -12.97 29.05 -15.84
C THR B 104 -13.88 28.04 -15.13
N TYR B 105 -13.47 26.78 -15.04
CA TYR B 105 -14.29 25.78 -14.35
C TYR B 105 -13.68 25.51 -12.99
N VAL B 106 -14.52 25.39 -11.96
CA VAL B 106 -14.02 25.16 -10.62
C VAL B 106 -13.81 23.69 -10.22
N TYR B 107 -14.47 22.77 -10.93
CA TYR B 107 -14.33 21.33 -10.62
C TYR B 107 -13.95 20.52 -11.85
N GLY B 108 -13.51 19.28 -11.62
CA GLY B 108 -13.17 18.41 -12.74
C GLY B 108 -12.86 16.97 -12.38
N LYS B 109 -12.93 16.10 -13.39
CA LYS B 109 -12.60 14.68 -13.30
C LYS B 109 -11.54 14.53 -14.37
N TYR B 110 -10.39 13.97 -14.03
CA TYR B 110 -9.32 13.86 -15.01
C TYR B 110 -8.68 12.50 -15.16
N GLU B 111 -8.50 12.11 -16.41
CA GLU B 111 -7.85 10.86 -16.77
C GLU B 111 -6.73 11.29 -17.69
N LEU B 112 -5.51 10.89 -17.35
CA LEU B 112 -4.36 11.28 -18.13
C LEU B 112 -3.53 10.14 -18.63
N GLU B 113 -2.51 10.54 -19.36
CA GLU B 113 -1.55 9.63 -19.93
C GLU B 113 -0.25 10.41 -19.86
N MET B 114 0.82 9.76 -19.41
CA MET B 114 2.11 10.41 -19.35
C MET B 114 3.12 9.55 -20.09
N LYS B 115 3.81 10.17 -21.04
CA LYS B 115 4.80 9.47 -21.82
C LYS B 115 6.18 9.93 -21.35
N PHE B 116 7.10 8.99 -21.19
CA PHE B 116 8.45 9.34 -20.77
C PHE B 116 9.44 8.90 -21.84
N VAL B 117 10.28 9.84 -22.26
CA VAL B 117 11.28 9.59 -23.30
C VAL B 117 12.67 9.80 -22.71
N ALA B 118 13.50 8.76 -22.79
CA ALA B 118 14.86 8.82 -22.26
C ALA B 118 15.91 8.72 -23.36
N ASN B 119 17.11 9.25 -23.09
CA ASN B 119 18.20 9.20 -24.05
C ASN B 119 19.56 8.95 -23.42
N GLY B 120 19.82 7.71 -23.05
CA GLY B 120 21.10 7.34 -22.49
C GLY B 120 21.84 6.68 -23.65
N ASN B 121 23.17 6.67 -23.64
CA ASN B 121 23.87 6.05 -24.76
C ASN B 121 24.16 4.57 -24.54
N LYS B 122 24.69 3.92 -25.57
CA LYS B 122 24.97 2.50 -25.53
C LYS B 122 26.04 2.01 -24.56
N PHE B 123 26.80 2.93 -23.97
CA PHE B 123 27.82 2.53 -23.00
C PHE B 123 27.40 2.86 -21.57
N GLN B 124 26.17 3.38 -21.43
CA GLN B 124 25.63 3.69 -20.12
C GLN B 124 24.66 2.57 -19.73
N CYS B 125 24.11 2.66 -18.53
CA CYS B 125 23.15 1.68 -18.05
C CYS B 125 22.48 2.21 -16.79
N GLY B 126 21.31 1.70 -16.48
CA GLY B 126 20.58 2.13 -15.30
C GLY B 126 19.10 1.88 -15.47
N LYS B 127 18.35 1.94 -14.37
CA LYS B 127 16.92 1.71 -14.40
C LYS B 127 16.20 2.79 -13.60
N VAL B 128 15.12 3.30 -14.17
CA VAL B 128 14.31 4.32 -13.53
C VAL B 128 12.88 3.80 -13.48
N ILE B 129 12.14 4.18 -12.45
CA ILE B 129 10.75 3.74 -12.36
C ILE B 129 9.83 4.93 -12.12
N ILE B 130 8.71 4.95 -12.83
CA ILE B 130 7.73 6.01 -12.68
C ILE B 130 6.42 5.36 -12.24
N SER B 131 5.81 5.90 -11.20
CA SER B 131 4.56 5.33 -10.71
C SER B 131 3.58 6.42 -10.31
N VAL B 132 2.33 6.05 -10.14
CA VAL B 132 1.31 7.00 -9.72
C VAL B 132 0.70 6.55 -8.40
N LYS B 133 0.33 7.51 -7.57
CA LYS B 133 -0.30 7.24 -6.28
C LYS B 133 -1.57 8.06 -6.28
N PHE B 134 -2.71 7.38 -6.24
CA PHE B 134 -4.02 8.06 -6.26
C PHE B 134 -4.38 8.70 -4.93
N ASP B 135 -5.04 9.87 -5.02
CA ASP B 135 -5.48 10.64 -3.86
C ASP B 135 -4.41 10.60 -2.78
N SER B 136 -3.30 11.28 -3.06
CA SER B 136 -2.14 11.28 -2.17
C SER B 136 -1.99 12.38 -1.15
N TYR B 137 -2.89 13.35 -1.13
CA TYR B 137 -2.79 14.45 -0.18
C TYR B 137 -2.63 13.94 1.26
N GLN B 138 -1.51 14.35 1.88
CA GLN B 138 -1.15 13.99 3.24
C GLN B 138 -0.76 12.52 3.42
N ALA B 139 -0.35 11.88 2.34
CA ALA B 139 0.08 10.50 2.38
C ALA B 139 1.18 10.26 1.34
N ASP B 140 1.89 11.33 1.01
CA ASP B 140 2.99 11.25 0.05
C ASP B 140 4.24 10.63 0.64
N ASN B 141 4.47 10.88 1.94
CA ASN B 141 5.66 10.39 2.59
C ASN B 141 5.65 8.96 3.14
N ILE B 142 4.62 8.19 2.82
CA ILE B 142 4.56 6.78 3.22
C ILE B 142 4.20 5.99 1.96
N ASN B 143 4.58 4.72 1.91
CA ASN B 143 4.32 3.89 0.72
C ASN B 143 4.87 4.69 -0.44
N THR B 144 6.09 5.18 -0.28
CA THR B 144 6.70 6.03 -1.28
C THR B 144 8.06 5.55 -1.80
N GLY B 145 8.43 4.32 -1.51
CA GLY B 145 9.70 3.81 -1.99
C GLY B 145 9.57 3.09 -3.33
N PHE B 146 10.66 2.56 -3.84
CA PHE B 146 10.64 1.84 -5.11
C PHE B 146 9.74 0.61 -5.00
N GLN B 147 9.61 0.05 -3.80
CA GLN B 147 8.79 -1.14 -3.60
C GLN B 147 7.31 -0.84 -3.81
N ALA B 148 6.85 0.29 -3.26
CA ALA B 148 5.46 0.68 -3.42
C ALA B 148 5.22 1.05 -4.89
N ALA B 149 6.23 1.64 -5.52
CA ALA B 149 6.14 2.03 -6.93
C ALA B 149 5.96 0.80 -7.83
N LEU B 150 6.67 -0.28 -7.49
CA LEU B 150 6.59 -1.53 -8.26
C LEU B 150 5.25 -2.24 -8.06
N SER B 151 4.50 -1.82 -7.04
CA SER B 151 3.20 -2.41 -6.75
C SER B 151 2.03 -1.64 -7.35
N ARG B 152 2.19 -0.34 -7.48
CA ARG B 152 1.15 0.52 -8.04
C ARG B 152 1.35 0.59 -9.56
N PRO B 153 0.40 1.22 -10.28
CA PRO B 153 0.55 1.33 -11.74
C PRO B 153 1.87 2.04 -11.99
N HIS B 154 2.72 1.44 -12.82
CA HIS B 154 4.04 2.01 -13.07
C HIS B 154 4.59 1.63 -14.43
N ILE B 155 5.70 2.26 -14.79
CA ILE B 155 6.41 1.95 -16.03
C ILE B 155 7.89 2.00 -15.65
N MET B 156 8.68 1.17 -16.32
CA MET B 156 10.10 1.08 -16.04
C MET B 156 10.87 1.52 -17.27
N LEU B 157 11.93 2.28 -17.06
CA LEU B 157 12.76 2.78 -18.14
C LEU B 157 14.19 2.26 -18.03
N ASP B 158 14.71 1.68 -19.11
CA ASP B 158 16.08 1.21 -19.10
C ASP B 158 16.88 2.33 -19.76
N LEU B 159 17.89 2.85 -19.06
CA LEU B 159 18.66 3.97 -19.56
C LEU B 159 19.64 3.75 -20.72
N SER B 160 19.78 2.51 -21.21
CA SER B 160 20.65 2.31 -22.35
C SER B 160 19.85 1.87 -23.58
N THR B 161 18.69 1.25 -23.38
CA THR B 161 17.86 0.82 -24.50
C THR B 161 16.91 1.94 -24.96
N ASN B 162 16.61 2.86 -24.05
CA ASN B 162 15.74 3.98 -24.35
C ASN B 162 14.34 3.59 -24.79
N ASN B 163 13.76 2.60 -24.11
CA ASN B 163 12.40 2.19 -24.42
C ASN B 163 11.54 3.32 -23.89
N GLU B 164 10.40 3.59 -24.52
CA GLU B 164 9.53 4.64 -24.03
C GLU B 164 8.56 4.02 -23.06
N GLY B 165 7.93 4.85 -22.23
CA GLY B 165 6.97 4.34 -21.28
C GLY B 165 5.74 5.23 -21.25
N VAL B 166 4.58 4.62 -21.13
CA VAL B 166 3.33 5.36 -21.07
C VAL B 166 2.54 4.95 -19.84
N LEU B 167 2.33 5.89 -18.94
CA LEU B 167 1.59 5.65 -17.70
C LEU B 167 0.15 6.13 -17.90
N LYS B 168 -0.81 5.22 -17.77
CA LYS B 168 -2.23 5.58 -17.92
C LYS B 168 -2.82 5.82 -16.54
N ILE B 169 -3.28 7.05 -16.32
CA ILE B 169 -3.82 7.47 -15.03
C ILE B 169 -5.32 7.73 -14.98
N PRO B 170 -6.08 6.84 -14.32
CA PRO B 170 -7.54 7.04 -14.21
C PRO B 170 -7.82 8.03 -13.10
N PHE B 171 -9.09 8.42 -12.95
CA PHE B 171 -9.47 9.34 -11.90
C PHE B 171 -10.03 8.55 -10.71
N ARG B 172 -9.21 8.40 -9.67
CA ARG B 172 -9.61 7.68 -8.46
C ARG B 172 -9.38 8.65 -7.32
N TYR B 173 -10.49 9.18 -6.79
CA TYR B 173 -10.45 10.20 -5.76
C TYR B 173 -11.56 9.88 -4.74
N HIS B 174 -11.43 10.35 -3.50
CA HIS B 174 -12.45 10.05 -2.51
C HIS B 174 -13.70 10.93 -2.61
N ARG B 175 -13.68 11.89 -3.53
CA ARG B 175 -14.82 12.77 -3.76
C ARG B 175 -15.19 12.64 -5.23
N ALA B 176 -16.34 13.19 -5.62
CA ALA B 176 -16.78 13.10 -7.01
C ALA B 176 -15.90 13.92 -7.96
N PHE B 177 -15.51 15.13 -7.56
CA PHE B 177 -14.66 16.01 -8.37
C PHE B 177 -13.48 16.48 -7.55
N VAL B 178 -12.48 17.02 -8.25
CA VAL B 178 -11.32 17.60 -7.59
C VAL B 178 -11.51 19.09 -7.89
N ARG B 179 -11.10 19.96 -6.97
CA ARG B 179 -11.22 21.41 -7.18
C ARG B 179 -10.04 21.86 -8.02
N ASN B 180 -10.28 22.74 -8.98
CA ASN B 180 -9.20 23.18 -9.85
C ASN B 180 -8.29 24.30 -9.37
N GLN B 181 -8.85 25.24 -8.61
CA GLN B 181 -8.06 26.37 -8.16
C GLN B 181 -8.33 26.88 -6.78
N THR B 182 -7.27 27.41 -6.17
CA THR B 182 -7.37 28.02 -4.87
C THR B 182 -7.74 29.46 -5.25
N HIS B 183 -8.32 30.20 -4.32
CA HIS B 183 -8.68 31.58 -4.62
C HIS B 183 -8.89 32.30 -3.31
N LYS B 184 -8.61 33.60 -3.27
CA LYS B 184 -8.77 34.33 -2.04
C LYS B 184 -10.20 34.19 -1.49
N THR B 185 -11.17 34.01 -2.37
CA THR B 185 -12.56 33.87 -1.94
C THR B 185 -13.00 32.42 -1.71
N ALA B 186 -12.14 31.47 -2.07
CA ALA B 186 -12.47 30.05 -1.91
C ALA B 186 -12.10 29.58 -0.50
N THR B 187 -12.71 28.49 -0.04
CA THR B 187 -12.43 27.97 1.29
C THR B 187 -11.01 27.42 1.42
N ALA B 188 -10.47 27.51 2.63
CA ALA B 188 -9.13 27.01 2.91
C ALA B 188 -9.24 25.68 3.65
N GLY B 189 -10.49 25.25 3.89
CA GLY B 189 -10.71 24.00 4.58
C GLY B 189 -10.43 22.77 3.72
N VAL B 190 -10.37 22.97 2.41
CA VAL B 190 -10.10 21.89 1.46
C VAL B 190 -8.94 22.27 0.55
N ARG B 191 -7.87 21.47 0.57
CA ARG B 191 -6.72 21.74 -0.29
C ARG B 191 -7.14 21.27 -1.69
N PRO B 192 -7.16 22.19 -2.66
CA PRO B 192 -7.56 21.89 -4.04
C PRO B 192 -6.45 21.50 -5.00
N GLY B 193 -6.86 21.18 -6.22
CA GLY B 193 -5.94 20.84 -7.30
C GLY B 193 -5.04 19.63 -7.21
N LYS B 194 -5.36 18.67 -6.35
CA LYS B 194 -4.51 17.49 -6.25
C LYS B 194 -5.30 16.22 -6.01
N PHE B 195 -5.35 15.34 -7.01
CA PHE B 195 -6.05 14.08 -6.84
C PHE B 195 -5.08 12.91 -6.94
N ALA B 196 -3.83 13.21 -7.26
CA ALA B 196 -2.81 12.17 -7.38
C ALA B 196 -1.39 12.71 -7.43
N SER B 197 -0.42 11.82 -7.26
CA SER B 197 1.00 12.17 -7.30
C SER B 197 1.70 11.22 -8.27
N ILE B 198 2.70 11.74 -8.99
CA ILE B 198 3.49 10.94 -9.91
C ILE B 198 4.92 11.01 -9.40
N TYR B 199 5.57 9.87 -9.22
CA TYR B 199 6.96 9.86 -8.75
C TYR B 199 7.88 9.25 -9.80
N VAL B 200 9.03 9.89 -10.00
CA VAL B 200 10.05 9.40 -10.92
C VAL B 200 11.23 9.05 -10.00
N GLN B 201 11.53 7.76 -9.87
CA GLN B 201 12.58 7.33 -8.96
C GLN B 201 13.68 6.47 -9.57
N VAL B 202 14.84 6.50 -8.95
CA VAL B 202 15.98 5.70 -9.38
C VAL B 202 15.75 4.28 -8.87
N LEU B 203 15.85 3.30 -9.78
CA LEU B 203 15.68 1.91 -9.41
C LEU B 203 17.09 1.29 -9.29
N SER B 204 17.95 1.65 -10.23
CA SER B 204 19.33 1.20 -10.24
C SER B 204 20.13 2.37 -10.83
N PRO B 205 21.13 2.87 -10.09
CA PRO B 205 21.98 4.00 -10.50
C PRO B 205 22.50 4.00 -11.93
N LEU B 206 22.55 5.19 -12.52
CA LEU B 206 23.08 5.37 -13.86
C LEU B 206 24.58 5.15 -13.75
N GLN B 207 25.14 4.39 -14.69
CA GLN B 207 26.57 4.15 -14.72
C GLN B 207 27.05 4.47 -16.12
N THR B 208 28.31 4.84 -16.24
CA THR B 208 28.85 5.18 -17.54
C THR B 208 30.25 4.58 -17.69
N GLY B 209 30.79 4.61 -18.90
CA GLY B 209 32.11 4.05 -19.11
C GLY B 209 33.21 5.10 -18.96
N GLU B 210 34.45 4.67 -19.12
CA GLU B 210 35.62 5.55 -19.02
C GLU B 210 35.44 6.79 -19.89
N GLY B 211 35.52 7.96 -19.26
CA GLY B 211 35.39 9.21 -19.99
C GLY B 211 34.02 9.40 -20.60
N GLY B 212 33.04 8.65 -20.13
CA GLY B 212 31.69 8.78 -20.65
C GLY B 212 30.95 9.90 -19.94
N ALA B 213 29.74 10.21 -20.42
CA ALA B 213 28.94 11.25 -19.81
C ALA B 213 28.49 10.81 -18.43
N ASN B 214 28.47 11.74 -17.48
CA ASN B 214 28.05 11.43 -16.11
C ASN B 214 26.57 11.63 -15.89
N ASP B 215 25.84 11.87 -16.97
CA ASP B 215 24.41 12.08 -16.90
C ASP B 215 23.73 11.90 -18.24
N MET B 216 22.40 11.86 -18.20
CA MET B 216 21.59 11.75 -19.39
C MET B 216 20.23 12.33 -19.02
N PHE B 217 19.36 12.51 -19.99
CA PHE B 217 18.07 13.14 -19.69
C PHE B 217 16.82 12.38 -20.07
N ILE B 218 15.76 12.69 -19.33
CA ILE B 218 14.44 12.11 -19.54
C ILE B 218 13.46 13.26 -19.66
N ARG B 219 12.47 13.12 -20.54
CA ARG B 219 11.48 14.16 -20.70
C ARG B 219 10.07 13.59 -20.59
N PRO B 220 9.26 14.15 -19.68
CA PRO B 220 7.88 13.68 -19.50
C PRO B 220 6.95 14.53 -20.38
N PHE B 221 5.89 13.91 -20.87
CA PHE B 221 4.88 14.58 -21.68
C PHE B 221 3.54 14.14 -21.11
N TYR B 222 2.59 15.04 -20.98
CA TYR B 222 1.29 14.62 -20.47
C TYR B 222 0.21 15.03 -21.45
N ARG B 223 -0.97 14.45 -21.27
CA ARG B 223 -2.14 14.76 -22.08
C ARG B 223 -3.30 14.19 -21.31
N TYR B 224 -4.45 14.83 -21.39
CA TYR B 224 -5.62 14.32 -20.72
C TYR B 224 -6.29 13.44 -21.75
N THR B 225 -6.73 12.26 -21.35
CA THR B 225 -7.41 11.38 -22.29
C THR B 225 -8.89 11.63 -22.07
N ARG B 226 -9.19 12.23 -20.92
CA ARG B 226 -10.57 12.53 -20.56
C ARG B 226 -10.60 13.56 -19.45
N ALA B 227 -10.82 14.83 -19.80
CA ALA B 227 -10.90 15.88 -18.82
C ALA B 227 -12.30 16.47 -18.86
N GLU B 228 -13.06 16.26 -17.79
CA GLU B 228 -14.42 16.77 -17.71
C GLU B 228 -14.51 17.88 -16.70
N PHE B 229 -15.01 19.03 -17.14
CA PHE B 229 -15.12 20.19 -16.29
C PHE B 229 -16.54 20.48 -15.86
N ALA B 230 -16.68 20.99 -14.65
CA ALA B 230 -17.99 21.34 -14.09
C ALA B 230 -17.90 22.62 -13.28
N GLY B 231 -19.02 23.33 -13.19
CA GLY B 231 -19.06 24.56 -12.42
C GLY B 231 -18.36 25.74 -13.05
N MET B 232 -19.01 26.37 -14.02
CA MET B 232 -18.43 27.52 -14.69
C MET B 232 -18.35 28.73 -13.78
N SER B 233 -17.27 29.48 -13.92
CA SER B 233 -17.06 30.68 -13.11
C SER B 233 -16.30 31.68 -13.98
N TYR B 234 -16.03 32.87 -13.45
CA TYR B 234 -15.29 33.88 -14.20
C TYR B 234 -13.86 33.36 -14.31
N LYS B 235 -13.13 33.78 -15.34
CA LYS B 235 -11.77 33.28 -15.48
C LYS B 235 -10.80 33.91 -14.49
N VAL B 236 -9.85 33.10 -14.04
CA VAL B 236 -8.84 33.54 -13.08
C VAL B 236 -7.47 33.05 -13.52
N PRO B 237 -6.40 33.73 -13.08
CA PRO B 237 -5.04 33.31 -13.45
C PRO B 237 -4.76 32.05 -12.61
N LEU B 238 -3.99 31.11 -13.15
CA LEU B 238 -3.74 29.86 -12.43
C LEU B 238 -2.74 29.95 -11.27
N THR B 239 -3.24 29.60 -10.07
CA THR B 239 -2.53 29.62 -8.78
C THR B 239 -1.68 30.86 -8.61
N ASP C 1 -60.55 -17.14 22.27
CA ASP C 1 -59.92 -18.28 22.99
C ASP C 1 -58.50 -17.95 23.41
N LYS C 2 -58.02 -18.65 24.41
CA LYS C 2 -56.66 -18.44 24.90
C LYS C 2 -56.05 -19.81 25.19
N PRO C 3 -55.86 -20.62 24.14
CA PRO C 3 -55.28 -21.96 24.25
C PRO C 3 -53.84 -21.92 24.72
N LYS C 4 -53.42 -22.93 25.47
CA LYS C 4 -52.05 -22.96 25.94
C LYS C 4 -51.15 -23.38 24.78
N ASP C 5 -49.91 -22.89 24.81
CA ASP C 5 -48.92 -23.18 23.78
C ASP C 5 -47.91 -24.14 24.43
N VAL C 6 -47.93 -25.40 24.00
CA VAL C 6 -47.02 -26.40 24.58
C VAL C 6 -45.68 -26.57 23.85
N SER C 7 -45.47 -25.78 22.80
CA SER C 7 -44.21 -25.88 22.06
C SER C 7 -43.05 -25.36 22.91
N SER C 8 -41.92 -26.06 22.83
CA SER C 8 -40.74 -25.67 23.59
C SER C 8 -39.50 -26.24 22.95
N ILE C 9 -38.35 -25.77 23.39
CA ILE C 9 -37.09 -26.24 22.87
C ILE C 9 -36.01 -25.96 23.91
N THR C 10 -34.98 -26.80 23.96
CA THR C 10 -33.94 -26.53 24.93
C THR C 10 -32.91 -25.66 24.20
N ILE C 11 -32.32 -24.71 24.90
CA ILE C 11 -31.37 -23.81 24.28
C ILE C 11 -30.04 -23.72 25.02
N ILE C 12 -28.99 -23.37 24.27
CA ILE C 12 -27.66 -23.20 24.84
C ILE C 12 -27.34 -21.73 24.62
N PRO C 13 -27.23 -20.95 25.70
CA PRO C 13 -26.93 -19.53 25.57
C PRO C 13 -25.48 -19.19 25.27
N LYS C 14 -25.27 -18.27 24.34
CA LYS C 14 -23.93 -17.79 23.98
C LYS C 14 -24.03 -16.27 23.86
N PRO C 15 -22.96 -15.55 24.24
CA PRO C 15 -22.99 -14.08 24.18
C PRO C 15 -22.95 -13.45 22.78
N ARG C 16 -22.18 -14.03 21.85
CA ARG C 16 -22.04 -13.49 20.50
C ARG C 16 -22.28 -14.54 19.43
N LEU C 17 -22.53 -14.09 18.21
CA LEU C 17 -22.73 -14.99 17.08
C LEU C 17 -21.62 -14.72 16.06
N GLY C 18 -20.84 -15.76 15.75
CA GLY C 18 -19.76 -15.64 14.77
C GLY C 18 -18.62 -14.70 15.12
N PHE C 19 -18.29 -14.59 16.40
CA PHE C 19 -17.22 -13.71 16.85
C PHE C 19 -15.83 -14.00 16.24
N PRO C 20 -15.40 -15.28 16.21
CA PRO C 20 -14.08 -15.62 15.66
C PRO C 20 -13.96 -15.67 14.14
N HIS C 21 -15.09 -15.83 13.47
CA HIS C 21 -15.13 -16.00 12.03
C HIS C 21 -15.02 -14.80 11.11
N GLY C 22 -14.54 -15.06 9.90
CA GLY C 22 -14.39 -14.05 8.89
C GLY C 22 -15.53 -14.17 7.91
N LYS C 23 -16.30 -15.24 8.05
CA LYS C 23 -17.46 -15.47 7.20
C LYS C 23 -18.49 -16.29 7.96
N GLY C 24 -19.69 -16.40 7.41
CA GLY C 24 -20.74 -17.13 8.09
C GLY C 24 -21.85 -16.18 8.46
N LYS C 25 -22.24 -16.19 9.73
CA LYS C 25 -23.32 -15.33 10.21
C LYS C 25 -22.84 -14.33 11.24
N SER C 26 -23.60 -13.26 11.37
CA SER C 26 -23.31 -12.21 12.34
C SER C 26 -24.65 -11.79 12.93
N ASP C 27 -24.67 -11.43 14.19
CA ASP C 27 -25.91 -10.99 14.83
C ASP C 27 -25.86 -9.47 15.01
N ALA C 28 -25.04 -8.82 14.20
CA ALA C 28 -24.90 -7.37 14.27
C ALA C 28 -26.24 -6.67 14.04
N VAL C 29 -26.47 -5.61 14.81
CA VAL C 29 -27.69 -4.82 14.71
C VAL C 29 -27.32 -3.54 13.98
N ALA C 30 -28.03 -3.23 12.90
CA ALA C 30 -27.73 -2.04 12.11
C ALA C 30 -28.21 -0.74 12.76
N MET C 31 -27.33 0.26 12.78
CA MET C 31 -27.67 1.57 13.33
C MET C 31 -28.28 2.34 12.16
N ARG C 32 -29.41 1.83 11.67
CA ARG C 32 -30.12 2.43 10.54
C ARG C 32 -31.60 2.50 10.83
N VAL C 33 -32.35 3.18 9.97
CA VAL C 33 -33.80 3.26 10.14
C VAL C 33 -34.37 1.90 9.72
N ASN C 34 -33.80 1.37 8.64
CA ASN C 34 -34.21 0.07 8.11
C ASN C 34 -33.13 -0.95 8.51
N PRO C 35 -33.49 -1.94 9.35
CA PRO C 35 -32.54 -2.95 9.81
C PRO C 35 -31.84 -3.77 8.73
N VAL C 36 -32.37 -3.79 7.51
CA VAL C 36 -31.75 -4.58 6.45
C VAL C 36 -31.15 -3.79 5.29
N ALA C 37 -31.23 -2.46 5.34
CA ALA C 37 -30.64 -1.63 4.28
C ALA C 37 -29.12 -1.74 4.36
N LEU C 38 -28.45 -1.62 3.22
CA LEU C 38 -26.99 -1.70 3.17
C LEU C 38 -26.37 -0.60 2.34
N THR C 39 -25.05 -0.47 2.44
CA THR C 39 -24.32 0.52 1.67
C THR C 39 -24.43 0.14 0.21
N SER C 40 -24.55 1.14 -0.67
CA SER C 40 -24.65 0.86 -2.10
C SER C 40 -23.30 0.87 -2.80
N PHE C 41 -23.06 -0.13 -3.63
CA PHE C 41 -21.81 -0.22 -4.38
C PHE C 41 -22.14 -0.25 -5.85
N GLN C 42 -23.32 0.28 -6.15
CA GLN C 42 -23.84 0.36 -7.50
C GLN C 42 -22.96 1.26 -8.38
N ASP C 43 -22.59 2.42 -7.85
CA ASP C 43 -21.76 3.37 -8.58
C ASP C 43 -20.32 3.42 -8.09
N VAL C 44 -20.14 3.49 -6.77
CA VAL C 44 -18.81 3.52 -6.21
C VAL C 44 -18.51 2.12 -5.70
N SER C 45 -17.48 1.49 -6.28
CA SER C 45 -17.10 0.15 -5.87
C SER C 45 -15.63 -0.11 -6.11
N ALA C 46 -15.14 -1.21 -5.55
CA ALA C 46 -13.73 -1.57 -5.70
C ALA C 46 -13.42 -1.73 -7.19
N TYR C 47 -12.30 -1.16 -7.61
CA TYR C 47 -11.89 -1.27 -9.00
C TYR C 47 -11.45 -2.71 -9.24
N PRO C 48 -11.78 -3.27 -10.41
CA PRO C 48 -11.43 -4.66 -10.76
C PRO C 48 -9.95 -5.02 -10.74
N ASP C 49 -9.07 -4.03 -10.87
CA ASP C 49 -7.64 -4.27 -10.86
C ASP C 49 -7.00 -4.27 -9.46
N GLU C 50 -7.81 -4.06 -8.43
CA GLU C 50 -7.31 -4.07 -7.05
C GLU C 50 -7.17 -5.53 -6.62
N PRO C 51 -6.16 -5.85 -5.79
CA PRO C 51 -6.03 -7.26 -5.38
C PRO C 51 -7.20 -7.68 -4.49
N ARG C 52 -7.66 -8.92 -4.67
CA ARG C 52 -8.78 -9.44 -3.89
C ARG C 52 -8.38 -10.43 -2.80
N THR C 53 -7.21 -11.04 -2.95
CA THR C 53 -6.70 -11.99 -1.96
C THR C 53 -5.24 -11.68 -1.67
N THR C 54 -4.73 -12.24 -0.59
CA THR C 54 -3.34 -12.03 -0.23
C THR C 54 -2.43 -12.73 -1.24
N LEU C 55 -2.98 -13.73 -1.92
CA LEU C 55 -2.21 -14.44 -2.94
C LEU C 55 -2.04 -13.53 -4.15
N ASP C 56 -3.02 -12.68 -4.42
CA ASP C 56 -2.91 -11.73 -5.52
C ASP C 56 -1.74 -10.81 -5.24
N ILE C 57 -1.67 -10.33 -4.00
CA ILE C 57 -0.61 -9.43 -3.59
C ILE C 57 0.75 -10.14 -3.65
N ALA C 58 0.79 -11.41 -3.27
CA ALA C 58 2.03 -12.18 -3.31
C ALA C 58 2.51 -12.38 -4.76
N ARG C 59 1.63 -12.15 -5.73
CA ARG C 59 2.00 -12.32 -7.13
C ARG C 59 2.57 -11.06 -7.75
N ILE C 60 2.75 -10.02 -6.94
CA ILE C 60 3.33 -8.76 -7.40
C ILE C 60 4.84 -8.87 -7.25
N TRP C 61 5.57 -8.62 -8.32
CA TRP C 61 7.03 -8.68 -8.28
C TRP C 61 7.57 -7.60 -7.32
N GLY C 62 8.49 -8.00 -6.46
CA GLY C 62 9.08 -7.05 -5.54
C GLY C 62 10.59 -7.17 -5.64
N LEU C 63 11.30 -6.06 -5.45
CA LEU C 63 12.76 -6.11 -5.51
C LEU C 63 13.23 -6.65 -4.16
N ARG C 64 13.84 -7.83 -4.18
CA ARG C 64 14.31 -8.45 -2.96
C ARG C 64 15.71 -8.02 -2.57
N SER C 65 16.66 -8.21 -3.49
CA SER C 65 18.06 -7.88 -3.24
C SER C 65 18.71 -7.38 -4.51
N THR C 66 20.00 -7.04 -4.38
CA THR C 66 20.81 -6.61 -5.50
C THR C 66 22.21 -7.09 -5.20
N PHE C 67 23.01 -7.29 -6.23
CA PHE C 67 24.39 -7.69 -6.03
C PHE C 67 25.18 -7.21 -7.25
N ASN C 68 26.49 -7.09 -7.10
CA ASN C 68 27.31 -6.64 -8.21
C ASN C 68 28.01 -7.79 -8.89
N TRP C 69 28.32 -7.60 -10.16
CA TRP C 69 29.02 -8.59 -10.93
C TRP C 69 30.06 -7.82 -11.74
N GLY C 70 31.33 -8.09 -11.49
CA GLY C 70 32.40 -7.40 -12.19
C GLY C 70 33.31 -8.31 -12.98
N SER C 71 34.08 -7.71 -13.88
CA SER C 71 35.01 -8.46 -14.71
C SER C 71 36.14 -9.08 -13.91
N GLY C 72 36.18 -8.77 -12.61
CA GLY C 72 37.20 -9.31 -11.75
C GLY C 72 36.75 -10.57 -11.01
N ASP C 73 35.46 -10.89 -11.06
CA ASP C 73 34.94 -12.07 -10.39
C ASP C 73 35.26 -13.35 -11.15
N GLU C 74 36.14 -14.17 -10.57
CA GLU C 74 36.59 -15.41 -11.20
C GLU C 74 35.50 -16.46 -11.30
N HIS C 75 35.68 -17.40 -12.21
CA HIS C 75 34.69 -18.45 -12.41
C HIS C 75 34.39 -19.22 -11.13
N GLY C 76 33.13 -19.61 -10.96
CA GLY C 76 32.71 -20.35 -9.79
C GLY C 76 32.36 -19.48 -8.60
N LYS C 77 32.78 -18.23 -8.62
CA LYS C 77 32.52 -17.34 -7.50
C LYS C 77 31.03 -17.10 -7.24
N GLU C 78 30.62 -17.17 -5.97
CA GLU C 78 29.22 -16.92 -5.62
C GLU C 78 29.00 -15.42 -5.69
N LEU C 79 28.12 -14.98 -6.56
CA LEU C 79 27.81 -13.56 -6.69
C LEU C 79 26.63 -13.28 -5.79
N PHE C 80 25.84 -14.31 -5.54
CA PHE C 80 24.65 -14.21 -4.72
C PHE C 80 24.46 -15.55 -4.01
N ASN C 81 24.09 -15.49 -2.74
CA ASN C 81 23.89 -16.70 -1.96
C ASN C 81 22.97 -16.39 -0.82
N THR C 82 21.78 -16.96 -0.83
CA THR C 82 20.84 -16.67 0.25
C THR C 82 19.93 -17.83 0.59
N VAL C 83 19.49 -17.85 1.84
CA VAL C 83 18.54 -18.85 2.28
C VAL C 83 17.25 -18.24 1.75
N LEU C 84 16.48 -19.03 1.02
CA LEU C 84 15.24 -18.55 0.42
C LEU C 84 14.08 -18.96 1.33
N ASP C 85 13.83 -18.14 2.34
CA ASP C 85 12.76 -18.38 3.30
C ASP C 85 11.87 -17.14 3.28
N PRO C 86 10.65 -17.25 2.75
CA PRO C 86 9.76 -16.08 2.70
C PRO C 86 9.30 -15.62 4.08
N GLY C 87 9.65 -16.37 5.12
CA GLY C 87 9.26 -16.02 6.48
C GLY C 87 10.15 -14.98 7.17
N LEU C 88 11.46 -15.06 6.94
CA LEU C 88 12.40 -14.11 7.54
C LEU C 88 13.58 -13.89 6.60
N ARG C 89 13.99 -12.65 6.46
CA ARG C 89 15.12 -12.31 5.59
C ARG C 89 16.43 -12.66 6.32
N PHE C 90 16.44 -12.48 7.64
CA PHE C 90 17.62 -12.79 8.46
C PHE C 90 17.20 -13.57 9.70
N TYR C 91 18.07 -14.46 10.16
CA TYR C 91 17.79 -15.24 11.36
C TYR C 91 18.65 -14.70 12.50
N ASP C 92 19.58 -13.81 12.18
CA ASP C 92 20.49 -13.27 13.19
C ASP C 92 20.56 -11.76 13.34
N GLN C 93 19.62 -11.04 12.74
CA GLN C 93 19.64 -9.59 12.85
C GLN C 93 18.32 -8.99 12.44
N ASP C 94 18.07 -7.79 12.93
CA ASP C 94 16.84 -7.08 12.62
C ASP C 94 16.78 -6.75 11.15
N TYR C 95 15.56 -6.61 10.64
CA TYR C 95 15.37 -6.21 9.26
C TYR C 95 14.63 -4.88 9.26
N GLU C 96 15.07 -3.98 8.40
CA GLU C 96 14.40 -2.71 8.25
C GLU C 96 14.57 -2.27 6.81
N GLY C 97 13.46 -2.02 6.13
CA GLY C 97 13.53 -1.61 4.75
C GLY C 97 12.23 -1.89 4.03
N GLN C 98 12.31 -1.92 2.71
CA GLN C 98 11.13 -2.17 1.90
C GLN C 98 10.99 -3.65 1.54
N ILE C 99 10.33 -4.41 2.42
CA ILE C 99 10.14 -5.84 2.20
C ILE C 99 9.28 -6.05 0.94
N THR C 100 9.47 -7.16 0.24
CA THR C 100 8.68 -7.42 -0.97
C THR C 100 7.22 -7.70 -0.63
N PRO C 101 6.31 -7.52 -1.61
CA PRO C 101 4.89 -7.77 -1.37
C PRO C 101 4.62 -9.20 -0.89
N MET C 102 5.29 -10.19 -1.48
CA MET C 102 5.04 -11.57 -1.07
C MET C 102 5.53 -11.87 0.34
N GLU C 103 6.63 -11.24 0.77
CA GLU C 103 7.13 -11.47 2.12
C GLU C 103 6.25 -10.74 3.12
N TYR C 104 5.78 -9.56 2.72
CA TYR C 104 4.92 -8.75 3.57
C TYR C 104 3.65 -9.52 3.91
N VAL C 105 3.04 -10.09 2.88
CA VAL C 105 1.81 -10.83 3.02
C VAL C 105 2.04 -12.21 3.68
N THR C 106 3.20 -12.81 3.43
CA THR C 106 3.52 -14.11 4.04
C THR C 106 3.70 -13.92 5.54
N GLY C 107 4.09 -12.70 5.94
CA GLY C 107 4.28 -12.41 7.34
C GLY C 107 3.00 -12.40 8.16
N LEU C 108 1.86 -12.62 7.49
CA LEU C 108 0.57 -12.64 8.18
C LEU C 108 0.11 -14.08 8.41
N TYR C 109 0.89 -15.04 7.94
CA TYR C 109 0.53 -16.45 8.07
C TYR C 109 1.59 -17.31 8.71
N ASN C 110 1.15 -18.40 9.31
CA ASN C 110 2.06 -19.33 9.97
C ASN C 110 2.59 -20.41 9.02
N PHE C 111 1.97 -20.54 7.85
CA PHE C 111 2.38 -21.56 6.86
C PHE C 111 2.37 -21.01 5.44
N TRP C 112 3.29 -21.52 4.62
CA TRP C 112 3.37 -21.13 3.22
C TRP C 112 3.80 -22.35 2.43
N SER C 113 3.59 -22.32 1.12
CA SER C 113 4.00 -23.42 0.26
C SER C 113 3.95 -23.05 -1.21
N GLY C 114 4.45 -23.94 -2.06
CA GLY C 114 4.43 -23.70 -3.48
C GLY C 114 5.71 -23.09 -4.00
N PRO C 115 5.94 -23.15 -5.31
CA PRO C 115 7.16 -22.58 -5.90
C PRO C 115 7.22 -21.07 -5.70
N ILE C 116 8.44 -20.54 -5.70
CA ILE C 116 8.67 -19.11 -5.56
C ILE C 116 9.36 -18.69 -6.84
N GLU C 117 8.98 -17.53 -7.36
CA GLU C 117 9.59 -17.04 -8.59
C GLU C 117 10.60 -15.93 -8.36
N LEU C 118 11.69 -15.99 -9.12
CA LEU C 118 12.75 -14.98 -9.04
C LEU C 118 12.97 -14.42 -10.44
N ARG C 119 13.41 -13.18 -10.51
CA ARG C 119 13.71 -12.57 -11.79
C ARG C 119 15.00 -11.79 -11.59
N PHE C 120 16.01 -12.06 -12.40
CA PHE C 120 17.26 -11.34 -12.29
C PHE C 120 17.39 -10.34 -13.42
N ASP C 121 17.41 -9.06 -13.06
CA ASP C 121 17.55 -8.00 -14.04
C ASP C 121 18.95 -7.44 -13.98
N PHE C 122 19.71 -7.64 -15.05
CA PHE C 122 21.07 -7.15 -15.13
C PHE C 122 21.04 -5.72 -15.65
N VAL C 123 21.48 -4.78 -14.83
CA VAL C 123 21.47 -3.38 -15.23
C VAL C 123 22.74 -3.15 -16.04
N SER C 124 22.69 -3.59 -17.29
CA SER C 124 23.80 -3.51 -18.21
C SER C 124 23.36 -2.98 -19.57
N ASN C 125 24.24 -3.11 -20.56
CA ASN C 125 23.93 -2.70 -21.91
C ASN C 125 24.40 -3.81 -22.85
N ALA C 126 24.20 -3.63 -24.16
CA ALA C 126 24.57 -4.65 -25.12
C ALA C 126 26.07 -4.97 -25.19
N PHE C 127 26.90 -4.17 -24.51
CA PHE C 127 28.33 -4.43 -24.55
C PHE C 127 28.87 -5.21 -23.37
N HIS C 128 27.98 -5.65 -22.49
CA HIS C 128 28.37 -6.48 -21.35
C HIS C 128 28.08 -7.91 -21.79
N THR C 129 28.97 -8.83 -21.44
CA THR C 129 28.76 -10.21 -21.81
C THR C 129 29.36 -11.12 -20.74
N GLY C 130 28.68 -12.23 -20.47
CA GLY C 130 29.16 -13.16 -19.47
C GLY C 130 28.08 -14.20 -19.25
N THR C 131 28.36 -15.18 -18.39
CA THR C 131 27.38 -16.22 -18.10
C THR C 131 27.41 -16.56 -16.61
N VAL C 132 26.22 -16.73 -16.05
CA VAL C 132 26.09 -17.10 -14.65
C VAL C 132 25.19 -18.31 -14.58
N ILE C 133 25.23 -19.01 -13.46
CA ILE C 133 24.38 -20.17 -13.28
C ILE C 133 23.63 -20.00 -11.96
N ILE C 134 22.30 -20.11 -12.04
CA ILE C 134 21.44 -19.96 -10.88
C ILE C 134 21.07 -21.36 -10.40
N SER C 135 21.16 -21.59 -9.10
CA SER C 135 20.84 -22.90 -8.56
C SER C 135 19.99 -22.87 -7.30
N ALA C 136 19.08 -23.84 -7.22
CA ALA C 136 18.19 -24.00 -6.07
C ALA C 136 18.75 -25.23 -5.36
N GLU C 137 19.22 -25.04 -4.13
CA GLU C 137 19.83 -26.11 -3.34
C GLU C 137 18.99 -26.45 -2.11
N TYR C 138 18.71 -27.74 -1.94
CA TYR C 138 17.87 -28.20 -0.84
C TYR C 138 18.53 -29.09 0.20
N ASN C 139 18.09 -28.93 1.46
CA ASN C 139 18.52 -29.77 2.58
C ASN C 139 19.99 -29.66 3.01
N ARG C 140 20.87 -29.83 2.04
CA ARG C 140 22.31 -29.84 2.23
C ARG C 140 22.84 -28.73 1.32
N SER C 141 23.87 -27.99 1.75
CA SER C 141 24.39 -26.91 0.93
C SER C 141 25.80 -27.08 0.40
N SER C 142 26.16 -26.23 -0.55
CA SER C 142 27.47 -26.27 -1.18
C SER C 142 28.48 -25.32 -0.54
N THR C 143 29.76 -25.66 -0.67
CA THR C 143 30.84 -24.84 -0.15
C THR C 143 30.96 -23.65 -1.09
N ASN C 144 31.33 -22.50 -0.55
CA ASN C 144 31.46 -21.30 -1.35
C ASN C 144 32.47 -21.48 -2.49
N THR C 145 33.45 -22.36 -2.28
CA THR C 145 34.48 -22.60 -3.28
C THR C 145 34.30 -23.86 -4.12
N ASP C 146 33.19 -24.56 -3.93
CA ASP C 146 32.94 -25.78 -4.68
C ASP C 146 31.76 -25.58 -5.63
N GLU C 147 32.04 -25.01 -6.80
CA GLU C 147 30.98 -24.74 -7.76
C GLU C 147 30.26 -26.01 -8.21
N CYS C 148 30.98 -27.12 -8.23
CA CYS C 148 30.38 -28.37 -8.66
C CYS C 148 29.21 -28.81 -7.78
N GLN C 149 29.26 -28.51 -6.49
CA GLN C 149 28.17 -28.89 -5.60
C GLN C 149 26.90 -28.12 -5.95
N SER C 150 27.05 -26.89 -6.44
CA SER C 150 25.90 -26.09 -6.84
C SER C 150 25.36 -26.61 -8.18
N HIS C 151 26.28 -27.00 -9.07
CA HIS C 151 25.92 -27.52 -10.39
C HIS C 151 25.16 -28.84 -10.33
N SER C 152 25.19 -29.49 -9.17
CA SER C 152 24.52 -30.78 -9.02
C SER C 152 23.05 -30.68 -8.62
N THR C 153 22.51 -29.47 -8.55
CA THR C 153 21.13 -29.28 -8.13
C THR C 153 20.20 -28.84 -9.27
N TYR C 154 19.19 -28.02 -8.95
CA TYR C 154 18.25 -27.52 -9.96
C TYR C 154 18.82 -26.22 -10.47
N THR C 155 19.32 -26.26 -11.71
CA THR C 155 19.99 -25.08 -12.27
C THR C 155 19.51 -24.50 -13.59
N LYS C 156 19.78 -23.21 -13.76
CA LYS C 156 19.46 -22.51 -14.98
C LYS C 156 20.66 -21.62 -15.28
N THR C 157 21.30 -21.87 -16.42
CA THR C 157 22.46 -21.11 -16.84
C THR C 157 21.99 -20.02 -17.79
N PHE C 158 22.35 -18.77 -17.47
CA PHE C 158 21.93 -17.64 -18.28
C PHE C 158 23.10 -16.97 -19.01
N HIS C 159 22.94 -16.88 -20.33
CA HIS C 159 23.91 -16.30 -21.24
C HIS C 159 23.61 -14.81 -21.38
N LEU C 160 24.26 -13.97 -20.58
CA LEU C 160 24.01 -12.52 -20.65
C LEU C 160 24.52 -11.90 -21.94
N GLY C 161 23.66 -11.11 -22.58
CA GLY C 161 24.03 -10.45 -23.83
C GLY C 161 23.01 -9.40 -24.20
N GLU C 162 22.35 -9.58 -25.34
CA GLU C 162 21.34 -8.65 -25.83
C GLU C 162 20.15 -8.67 -24.88
N GLN C 163 19.85 -9.85 -24.32
CA GLN C 163 18.77 -9.96 -23.35
C GLN C 163 19.40 -9.75 -21.98
N LYS C 164 18.81 -8.86 -21.19
CA LYS C 164 19.34 -8.51 -19.89
C LYS C 164 18.54 -8.96 -18.68
N SER C 165 17.67 -9.94 -18.85
CA SER C 165 16.85 -10.42 -17.75
C SER C 165 16.57 -11.90 -17.88
N VAL C 166 16.48 -12.59 -16.75
CA VAL C 166 16.18 -14.02 -16.77
C VAL C 166 15.24 -14.38 -15.62
N HIS C 167 14.25 -15.20 -15.93
CA HIS C 167 13.28 -15.64 -14.95
C HIS C 167 13.70 -17.00 -14.40
N PHE C 168 13.42 -17.25 -13.13
CA PHE C 168 13.77 -18.52 -12.50
C PHE C 168 12.71 -18.95 -11.49
N THR C 169 12.11 -20.11 -11.72
CA THR C 169 11.10 -20.63 -10.80
C THR C 169 11.81 -21.55 -9.81
N VAL C 170 11.73 -21.23 -8.53
CA VAL C 170 12.38 -22.03 -7.50
C VAL C 170 11.44 -23.17 -7.09
N PRO C 171 11.82 -24.42 -7.39
CA PRO C 171 10.97 -25.56 -7.03
C PRO C 171 10.67 -25.64 -5.54
N TYR C 172 9.52 -26.20 -5.20
CA TYR C 172 9.18 -26.40 -3.80
C TYR C 172 9.45 -27.89 -3.58
N ILE C 173 10.53 -28.20 -2.85
CA ILE C 173 10.87 -29.59 -2.57
C ILE C 173 11.23 -29.68 -1.08
N TYR C 174 10.29 -30.17 -0.30
CA TYR C 174 10.48 -30.30 1.15
C TYR C 174 9.81 -31.59 1.60
N ASP C 175 10.06 -31.99 2.85
CA ASP C 175 9.46 -33.21 3.36
C ASP C 175 8.05 -33.02 3.93
N THR C 176 7.54 -31.80 3.82
CA THR C 176 6.19 -31.48 4.30
C THR C 176 5.43 -30.76 3.19
N VAL C 177 4.11 -30.93 3.15
CA VAL C 177 3.29 -30.29 2.11
C VAL C 177 3.29 -28.77 2.19
N VAL C 178 3.52 -28.24 3.39
CA VAL C 178 3.61 -26.80 3.60
C VAL C 178 4.77 -26.59 4.56
N ARG C 179 5.24 -25.36 4.65
CA ARG C 179 6.34 -25.05 5.57
C ARG C 179 5.88 -24.06 6.60
N ARG C 180 6.35 -24.19 7.84
CA ARG C 180 5.90 -23.23 8.81
C ARG C 180 6.82 -22.01 8.86
N ASN C 181 6.20 -20.84 9.03
CA ASN C 181 6.91 -19.57 9.07
C ASN C 181 7.94 -19.59 10.20
N THR C 182 9.08 -18.96 9.95
CA THR C 182 10.14 -18.89 10.95
C THR C 182 9.96 -17.70 11.89
N ALA C 183 9.06 -16.78 11.54
CA ALA C 183 8.79 -15.62 12.39
C ALA C 183 7.88 -16.11 13.51
N SER C 184 7.50 -15.23 14.45
CA SER C 184 6.65 -15.67 15.54
C SER C 184 5.16 -15.44 15.27
N ALA C 185 4.32 -16.22 15.94
CA ALA C 185 2.88 -16.12 15.81
C ALA C 185 2.34 -15.04 16.75
N TYR C 186 3.12 -14.73 17.77
CA TYR C 186 2.76 -13.72 18.77
C TYR C 186 4.02 -13.25 19.49
N LEU C 187 4.25 -11.94 19.47
CA LEU C 187 5.40 -11.33 20.12
C LEU C 187 4.88 -10.13 20.89
N PRO C 188 4.74 -10.25 22.22
CA PRO C 188 4.25 -9.16 23.06
C PRO C 188 5.26 -8.06 23.36
N VAL C 189 6.53 -8.27 22.98
CA VAL C 189 7.57 -7.27 23.23
C VAL C 189 7.32 -6.03 22.38
N THR C 190 7.21 -4.87 23.03
CA THR C 190 6.98 -3.62 22.31
C THR C 190 8.02 -2.56 22.59
N ASP C 191 8.79 -2.74 23.65
CA ASP C 191 9.80 -1.74 23.98
C ASP C 191 11.23 -2.24 23.87
N TYR C 192 11.52 -2.94 22.78
CA TYR C 192 12.85 -3.46 22.51
C TYR C 192 13.58 -3.99 23.74
N ASP C 193 12.88 -4.84 24.48
CA ASP C 193 13.43 -5.44 25.70
C ASP C 193 14.72 -6.23 25.43
N LYS C 194 15.78 -5.91 26.17
CA LYS C 194 17.06 -6.62 26.04
C LYS C 194 16.74 -8.07 26.38
N VAL C 195 16.88 -8.96 25.41
CA VAL C 195 16.54 -10.37 25.58
C VAL C 195 17.58 -11.27 26.25
N ASP C 196 17.08 -12.30 26.95
CA ASP C 196 17.91 -13.29 27.62
C ASP C 196 17.31 -14.66 27.28
N ASN C 197 17.97 -15.74 27.68
CA ASN C 197 17.46 -17.07 27.37
C ASN C 197 16.14 -17.44 28.01
N VAL C 198 15.81 -16.84 29.14
CA VAL C 198 14.53 -17.13 29.78
C VAL C 198 13.41 -16.59 28.89
N SER C 199 13.64 -15.43 28.30
CA SER C 199 12.68 -14.81 27.41
C SER C 199 12.46 -15.72 26.20
N ARG C 200 13.56 -16.23 25.65
CA ARG C 200 13.50 -17.11 24.49
C ARG C 200 12.87 -18.46 24.79
N ALA C 201 13.16 -19.01 25.97
CA ALA C 201 12.61 -20.29 26.37
C ALA C 201 11.10 -20.17 26.54
N GLN C 202 10.63 -18.94 26.72
CA GLN C 202 9.22 -18.68 26.91
C GLN C 202 8.58 -17.95 25.74
N ALA C 203 9.12 -18.18 24.54
CA ALA C 203 8.61 -17.58 23.32
C ALA C 203 7.41 -18.39 22.85
N MET C 204 6.71 -17.90 21.82
CA MET C 204 5.54 -18.60 21.31
C MET C 204 5.89 -19.87 20.54
N GLY C 205 7.13 -19.99 20.10
CA GLY C 205 7.50 -21.19 19.36
C GLY C 205 9.00 -21.37 19.22
N ILE C 206 9.37 -22.30 18.34
CA ILE C 206 10.77 -22.60 18.08
C ILE C 206 10.99 -22.44 16.59
N ARG C 207 11.90 -21.55 16.22
CA ARG C 207 12.18 -21.26 14.82
C ARG C 207 12.79 -22.41 14.05
N ALA C 208 12.04 -22.96 13.10
CA ALA C 208 12.50 -24.06 12.26
C ALA C 208 13.22 -23.47 11.05
N GLU C 209 14.48 -23.07 11.26
CA GLU C 209 15.27 -22.45 10.20
C GLU C 209 15.48 -23.30 8.95
N SER C 210 15.31 -22.65 7.80
CA SER C 210 15.45 -23.29 6.51
C SER C 210 16.91 -23.39 6.06
N LYS C 211 17.22 -24.46 5.33
CA LYS C 211 18.56 -24.68 4.82
C LYS C 211 18.54 -24.57 3.30
N MET C 212 17.36 -24.31 2.73
CA MET C 212 17.20 -24.18 1.29
C MET C 212 17.83 -22.86 0.82
N ARG C 213 18.70 -22.95 -0.19
CA ARG C 213 19.39 -21.77 -0.70
C ARG C 213 19.32 -21.60 -2.20
N VAL C 214 19.46 -20.35 -2.63
CA VAL C 214 19.52 -20.02 -4.05
C VAL C 214 20.86 -19.29 -4.20
N LYS C 215 21.66 -19.74 -5.16
CA LYS C 215 22.95 -19.12 -5.40
C LYS C 215 23.11 -18.77 -6.86
N VAL C 216 23.96 -17.78 -7.13
CA VAL C 216 24.26 -17.39 -8.49
C VAL C 216 25.78 -17.38 -8.55
N ARG C 217 26.34 -18.18 -9.45
CA ARG C 217 27.79 -18.27 -9.59
C ARG C 217 28.25 -17.86 -10.98
N VAL C 218 29.48 -17.38 -11.07
CA VAL C 218 30.05 -16.99 -12.33
C VAL C 218 30.39 -18.26 -13.12
N VAL C 219 29.99 -18.31 -14.38
CA VAL C 219 30.29 -19.45 -15.24
C VAL C 219 31.42 -18.94 -16.15
N ASN C 220 31.13 -17.88 -16.91
CA ASN C 220 32.11 -17.24 -17.78
C ASN C 220 32.28 -15.81 -17.26
N VAL C 221 33.51 -15.47 -16.90
CA VAL C 221 33.82 -14.15 -16.36
C VAL C 221 33.27 -13.02 -17.23
N LEU C 222 32.68 -12.02 -16.57
CA LEU C 222 32.10 -10.88 -17.26
C LEU C 222 33.22 -10.19 -18.05
N ARG C 223 32.99 -9.96 -19.33
CA ARG C 223 34.00 -9.33 -20.19
C ARG C 223 33.47 -8.15 -20.99
N PRO C 224 33.13 -7.04 -20.32
CA PRO C 224 32.62 -5.87 -21.02
C PRO C 224 33.73 -5.15 -21.80
N VAL C 225 33.36 -4.39 -22.82
CA VAL C 225 34.36 -3.66 -23.58
C VAL C 225 34.90 -2.57 -22.66
N ALA C 226 36.13 -2.13 -22.92
CA ALA C 226 36.76 -1.11 -22.08
C ALA C 226 35.97 0.20 -21.97
N SER C 227 35.22 0.53 -23.02
CA SER C 227 34.45 1.76 -23.06
C SER C 227 33.24 1.82 -22.12
N THR C 228 32.84 0.69 -21.56
CA THR C 228 31.69 0.69 -20.66
C THR C 228 32.08 0.27 -19.23
N THR C 229 31.15 0.37 -18.30
CA THR C 229 31.43 0.02 -16.91
C THR C 229 31.85 -1.45 -16.76
N SER C 230 32.87 -1.70 -15.94
CA SER C 230 33.36 -3.07 -15.74
C SER C 230 32.62 -3.85 -14.66
N THR C 231 31.70 -3.17 -13.96
CA THR C 231 30.91 -3.79 -12.91
C THR C 231 29.46 -3.36 -13.08
N ILE C 232 28.55 -4.32 -13.01
CA ILE C 232 27.13 -4.00 -13.16
C ILE C 232 26.36 -4.47 -11.95
N GLU C 233 25.24 -3.82 -11.69
CA GLU C 233 24.39 -4.22 -10.58
C GLU C 233 23.34 -5.17 -11.14
N VAL C 234 22.98 -6.17 -10.35
CA VAL C 234 21.96 -7.13 -10.77
C VAL C 234 20.83 -7.04 -9.75
N LEU C 235 19.62 -6.79 -10.24
CA LEU C 235 18.45 -6.68 -9.37
C LEU C 235 17.78 -8.04 -9.26
N VAL C 236 17.49 -8.45 -8.03
CA VAL C 236 16.82 -9.73 -7.81
C VAL C 236 15.39 -9.50 -7.35
N TYR C 237 14.43 -9.82 -8.21
CA TYR C 237 13.02 -9.67 -7.87
C TYR C 237 12.48 -11.01 -7.41
N MET C 238 11.43 -10.96 -6.60
CA MET C 238 10.83 -12.18 -6.07
C MET C 238 9.33 -12.05 -5.88
N ARG C 239 8.62 -13.15 -6.05
CA ARG C 239 7.18 -13.19 -5.85
C ARG C 239 6.75 -14.63 -5.74
N GLY C 240 5.52 -14.87 -5.29
CA GLY C 240 5.04 -16.23 -5.18
C GLY C 240 4.74 -16.81 -6.54
N GLY C 241 4.91 -18.12 -6.68
CA GLY C 241 4.61 -18.78 -7.95
C GLY C 241 3.10 -18.79 -8.12
N LYS C 242 2.61 -19.29 -9.25
CA LYS C 242 1.17 -19.27 -9.44
C LYS C 242 0.46 -20.19 -8.46
N ASN C 243 1.18 -21.15 -7.88
CA ASN C 243 0.56 -22.06 -6.91
C ASN C 243 1.02 -21.83 -5.48
N TYR C 244 1.46 -20.60 -5.22
CA TYR C 244 1.90 -20.21 -3.89
C TYR C 244 0.66 -20.27 -2.99
N ALA C 245 0.83 -20.76 -1.77
CA ALA C 245 -0.28 -20.86 -0.83
C ALA C 245 0.09 -20.30 0.54
N LEU C 246 -0.90 -19.80 1.27
CA LEU C 246 -0.69 -19.23 2.59
C LEU C 246 -1.81 -19.68 3.52
N HIS C 247 -1.48 -19.95 4.78
CA HIS C 247 -2.47 -20.39 5.75
C HIS C 247 -2.05 -20.16 7.20
N GLY C 248 -3.05 -19.94 8.08
CA GLY C 248 -2.79 -19.74 9.49
C GLY C 248 -2.53 -18.29 9.89
N LEU C 249 -3.57 -17.46 9.86
CA LEU C 249 -3.42 -16.06 10.23
C LEU C 249 -2.79 -15.89 11.59
N LYS C 250 -1.84 -14.96 11.69
CA LYS C 250 -1.13 -14.72 12.94
C LYS C 250 -0.74 -13.26 13.02
N GLN C 251 -0.04 -12.89 14.09
CA GLN C 251 0.42 -11.52 14.26
C GLN C 251 1.39 -11.25 13.10
N SER C 252 1.27 -10.07 12.48
CA SER C 252 2.13 -9.71 11.36
C SER C 252 3.58 -9.63 11.79
N THR C 253 4.47 -10.29 11.06
CA THR C 253 5.88 -10.24 11.46
C THR C 253 6.50 -8.88 11.18
N TYR C 254 5.98 -8.17 10.18
CA TYR C 254 6.50 -6.85 9.81
C TYR C 254 5.55 -5.74 10.25
N TRP C 255 6.09 -4.57 10.56
CA TRP C 255 5.29 -3.43 10.97
C TRP C 255 5.94 -2.14 10.48
N PRO C 256 5.11 -1.12 10.17
CA PRO C 256 5.60 0.18 9.67
C PRO C 256 6.72 0.73 10.53
N SER C 257 7.81 1.13 9.89
CA SER C 257 8.97 1.66 10.60
C SER C 257 9.22 3.12 10.26
N ASN C 258 8.42 3.67 9.35
CA ASN C 258 8.61 5.04 8.94
C ASN C 258 7.36 5.89 9.13
N SER C 259 7.56 7.09 9.69
CA SER C 259 6.47 8.03 9.90
C SER C 259 5.26 7.42 10.63
N VAL C 260 5.51 6.86 11.81
CA VAL C 260 4.45 6.25 12.61
C VAL C 260 4.06 7.16 13.78
N VAL C 261 2.86 7.73 13.70
CA VAL C 261 2.35 8.61 14.73
C VAL C 261 0.92 8.17 15.01
N PRO C 262 0.60 7.88 16.27
CA PRO C 262 -0.75 7.44 16.62
C PRO C 262 -1.70 8.65 16.65
N ILE C 263 -2.96 8.43 16.30
CA ILE C 263 -3.90 9.54 16.29
C ILE C 263 -4.16 10.10 17.68
N ASP C 264 -4.62 11.34 17.71
CA ASP C 264 -5.00 12.04 18.93
C ASP C 264 -6.37 12.61 18.59
N SER C 265 -7.02 13.29 19.53
CA SER C 265 -8.34 13.84 19.22
C SER C 265 -8.29 15.18 18.51
N PHE C 266 -8.95 15.23 17.35
CA PHE C 266 -9.00 16.43 16.54
C PHE C 266 -10.43 16.97 16.53
N PRO C 267 -10.62 18.26 16.89
CA PRO C 267 -9.63 19.25 17.31
C PRO C 267 -9.34 19.43 18.82
N PRO C 268 -9.95 18.61 19.70
CA PRO C 268 -9.70 18.77 21.13
C PRO C 268 -8.26 18.82 21.63
N ASP C 269 -7.39 17.96 21.11
CA ASP C 269 -6.00 17.89 21.59
C ASP C 269 -5.04 18.99 21.15
N GLY C 270 -5.46 20.24 21.26
CA GLY C 270 -4.58 21.34 20.90
C GLY C 270 -4.34 21.61 19.43
N TYR C 271 -5.37 21.47 18.61
CA TYR C 271 -5.22 21.75 17.19
C TYR C 271 -5.51 23.21 16.99
N ASP C 272 -6.18 23.80 17.97
CA ASP C 272 -6.50 25.21 17.92
C ASP C 272 -5.23 25.96 18.36
N PRO C 273 -4.42 26.42 17.39
CA PRO C 273 -3.18 27.14 17.71
C PRO C 273 -3.44 28.53 18.31
N ASP D 1 6.01 22.79 21.92
CA ASP D 1 4.72 22.10 21.64
C ASP D 1 4.94 20.83 20.81
N ASN D 2 3.86 20.33 20.20
CA ASN D 2 3.89 19.13 19.38
C ASN D 2 4.62 19.37 18.05
N PRO D 3 5.75 18.67 17.85
CA PRO D 3 6.55 18.80 16.62
C PRO D 3 5.88 18.28 15.34
N HIS D 4 4.82 17.49 15.50
CA HIS D 4 4.10 16.92 14.36
C HIS D 4 3.12 17.89 13.75
N ARG D 5 2.68 18.88 14.52
CA ARG D 5 1.71 19.85 14.06
C ARG D 5 2.06 20.52 12.73
N PHE D 6 3.26 21.08 12.63
CA PHE D 6 3.65 21.77 11.41
C PHE D 6 4.99 21.33 10.87
N LEU D 7 5.03 21.20 9.55
CA LEU D 7 6.22 20.81 8.83
C LEU D 7 7.10 22.05 8.70
N PRO D 8 8.44 21.90 8.77
CA PRO D 8 9.28 23.09 8.64
C PRO D 8 9.03 23.76 7.29
N ALA D 9 9.06 25.08 7.26
CA ALA D 9 8.80 25.85 6.05
C ALA D 9 9.62 25.48 4.82
N ASN D 10 10.88 25.14 5.02
CA ASN D 10 11.75 24.81 3.89
C ASN D 10 11.44 23.50 3.15
N VAL D 11 10.62 22.64 3.73
CA VAL D 11 10.30 21.39 3.07
C VAL D 11 8.84 21.28 2.63
N SER D 12 8.02 22.24 3.04
CA SER D 12 6.60 22.18 2.73
C SER D 12 6.05 23.30 1.86
N ASN D 13 4.80 23.11 1.42
CA ASN D 13 4.10 24.12 0.63
C ASN D 13 3.09 24.76 1.59
N ARG D 14 2.28 25.69 1.09
CA ARG D 14 1.32 26.38 1.94
C ARG D 14 0.26 25.47 2.58
N TRP D 15 0.16 24.23 2.13
CA TRP D 15 -0.83 23.32 2.68
C TRP D 15 -0.33 22.39 3.77
N ASN D 16 0.86 22.69 4.29
CA ASN D 16 1.45 21.90 5.35
C ASN D 16 1.61 20.43 4.96
N GLU D 17 2.20 20.22 3.80
CA GLU D 17 2.51 18.88 3.30
C GLU D 17 3.83 19.09 2.59
N TYR D 18 4.57 18.02 2.35
CA TYR D 18 5.84 18.16 1.65
C TYR D 18 5.62 18.78 0.28
N SER D 19 6.49 19.73 -0.07
CA SER D 19 6.41 20.39 -1.37
C SER D 19 6.83 19.38 -2.43
N SER D 20 6.20 19.45 -3.61
CA SER D 20 6.56 18.51 -4.67
C SER D 20 7.96 18.86 -5.21
N ALA D 21 8.46 20.03 -4.83
CA ALA D 21 9.78 20.47 -5.26
C ALA D 21 10.86 19.93 -4.32
N TYR D 22 10.45 19.48 -3.13
CA TYR D 22 11.39 18.95 -2.15
C TYR D 22 11.67 17.46 -2.35
N LEU D 23 12.64 17.16 -3.22
CA LEU D 23 13.00 15.78 -3.52
C LEU D 23 13.69 15.00 -2.40
N PRO D 24 14.45 15.66 -1.53
CA PRO D 24 15.14 14.96 -0.44
C PRO D 24 14.27 14.24 0.60
N ARG D 25 12.95 14.42 0.58
CA ARG D 25 12.13 13.76 1.60
C ARG D 25 12.32 12.25 1.71
N VAL D 26 12.81 11.61 0.64
CA VAL D 26 13.05 10.16 0.68
C VAL D 26 14.55 9.95 0.90
CA CA E . 8.54 -24.01 -19.54
CA CA F . -33.13 20.07 -18.84
#